data_6NH7
#
_entry.id   6NH7
#
_cell.length_a   55.959
_cell.length_b   109.381
_cell.length_c   153.470
_cell.angle_alpha   90.00
_cell.angle_beta   90.00
_cell.angle_gamma   90.00
#
_symmetry.space_group_name_H-M   'P 21 21 21'
#
loop_
_entity.id
_entity.type
_entity.pdbx_description
1 polymer 'Endothelial nitric oxide synthase splice variant eNOS13A'
2 non-polymer 'PROTOPORPHYRIN IX CONTAINING FE'
3 non-polymer 6-(2-{3-[3-(dimethylamino)propyl]-2,5,6-trifluorophenyl}ethyl)-4-methylpyridin-2-amine
4 non-polymer 2-[BIS-(2-HYDROXY-ETHYL)-AMINO]-2-HYDROXYMETHYL-PROPANE-1,3-DIOL
5 non-polymer 'ZINC ION'
6 non-polymer 'GADOLINIUM ATOM'
7 water water
#
_entity_poly.entity_id   1
_entity_poly.type   'polypeptide(L)'
_entity_poly.pdbx_seq_one_letter_code
;APASLLPPAPEHSPPSSPLTQPPEGPKFPRVKNWEVGSITYDTLSAQAQQDGPCTPRRCLGSLVFPRKLQGRPSPGPPAP
EQLLSQARDFINQYYSSIKRSGSQAHEQRLQEVEAEVAATGTYQLRESELVFGAKQAWRNAPRCVGRIQWGKLQVFDARD
CRSAQEMFTYICNHIKYATNRGNLRSAITVFPQRCPGRGDFRIWNSQLVRYAGYRQQDGSVRGDPANVEITELCIQHGWT
PGNGRFDVLPLLLQAPDEPPELFLLPPELVLEVPLEHPTLEWFAALGLRWYALPAVSNMLLEIGGLEFPAAPFSGWYMST
EIGTRNLCDPHRYNILEDVAVCMDLDTRTTSSLWKDKAAVEINVAVLHSYQLAKVTIVDHHAATASFMKHLENEQKARGG
CPADWAWIVPPISGSLTPVFHQEMVNYFLSPAFRYQPDPW
;
_entity_poly.pdbx_strand_id   A,B
#
loop_
_chem_comp.id
_chem_comp.type
_chem_comp.name
_chem_comp.formula
BTB non-polymer 2-[BIS-(2-HYDROXY-ETHYL)-AMINO]-2-HYDROXYMETHYL-PROPANE-1,3-DIOL 'C8 H19 N O5'
GD non-polymer 'GADOLINIUM ATOM' Gd
HEM non-polymer 'PROTOPORPHYRIN IX CONTAINING FE' 'C34 H32 Fe N4 O4'
KMM non-polymer 6-(2-{3-[3-(dimethylamino)propyl]-2,5,6-trifluorophenyl}ethyl)-4-methylpyridin-2-amine 'C19 H24 F3 N3'
ZN non-polymer 'ZINC ION' 'Zn 2'
#
# COMPACT_ATOMS: atom_id res chain seq x y z
N PHE A 28 -8.76 1.42 -22.22
CA PHE A 28 -8.78 0.34 -21.21
C PHE A 28 -7.42 0.18 -20.53
N PRO A 29 -7.37 0.37 -19.21
CA PRO A 29 -6.08 0.35 -18.50
C PRO A 29 -5.38 -1.01 -18.60
N ARG A 30 -4.09 -0.96 -18.85
CA ARG A 30 -3.26 -2.16 -18.95
C ARG A 30 -2.72 -2.53 -17.57
N VAL A 31 -2.91 -3.79 -17.19
CA VAL A 31 -2.63 -4.26 -15.83
C VAL A 31 -1.58 -5.36 -15.91
N LYS A 32 -0.46 -5.17 -15.20
CA LYS A 32 0.67 -6.10 -15.31
C LYS A 32 0.90 -6.83 -13.99
N ASN A 33 1.23 -8.12 -14.10
CA ASN A 33 1.74 -8.88 -12.96
C ASN A 33 3.25 -8.94 -13.10
N TRP A 34 3.95 -8.39 -12.12
CA TRP A 34 5.39 -8.19 -12.21
C TRP A 34 6.20 -9.41 -11.78
N GLU A 35 5.56 -10.38 -11.12
CA GLU A 35 6.26 -11.62 -10.80
C GLU A 35 6.32 -12.53 -12.03
N VAL A 36 5.22 -12.58 -12.78
CA VAL A 36 5.14 -13.41 -13.98
C VAL A 36 5.55 -12.63 -15.22
N GLY A 37 4.96 -11.45 -15.41
CA GLY A 37 5.06 -10.72 -16.65
C GLY A 37 3.80 -10.74 -17.50
N SER A 38 2.71 -11.30 -16.97
CA SER A 38 1.45 -11.39 -17.71
C SER A 38 0.73 -10.04 -17.68
N ILE A 39 -0.04 -9.79 -18.73
CA ILE A 39 -0.77 -8.54 -18.91
C ILE A 39 -2.24 -8.84 -19.10
N THR A 40 -3.09 -8.02 -18.49
CA THR A 40 -4.52 -7.97 -18.78
C THR A 40 -4.96 -6.53 -18.97
N TYR A 41 -6.10 -6.37 -19.63
CA TYR A 41 -6.74 -5.08 -19.81
C TYR A 41 -8.07 -5.10 -19.09
N ASP A 42 -8.34 -4.07 -18.29
CA ASP A 42 -9.58 -4.00 -17.51
C ASP A 42 -10.62 -3.25 -18.32
N THR A 43 -11.52 -4.01 -18.95
CA THR A 43 -12.65 -3.42 -19.67
C THR A 43 -13.87 -3.24 -18.78
N LEU A 44 -13.91 -3.92 -17.63
CA LEU A 44 -15.01 -3.74 -16.69
C LEU A 44 -15.05 -2.31 -16.14
N SER A 45 -13.89 -1.69 -15.92
CA SER A 45 -13.83 -0.35 -15.37
C SER A 45 -14.58 0.67 -16.20
N ALA A 46 -14.82 0.37 -17.48
CA ALA A 46 -15.54 1.33 -18.32
C ALA A 46 -16.93 1.60 -17.79
N GLN A 47 -17.54 0.61 -17.13
CA GLN A 47 -18.89 0.71 -16.61
C GLN A 47 -18.94 1.27 -15.19
N ALA A 48 -17.89 1.97 -14.76
CA ALA A 48 -17.82 2.48 -13.40
C ALA A 48 -18.89 3.55 -13.20
N GLN A 49 -19.88 3.24 -12.35
CA GLN A 49 -21.04 4.12 -12.20
C GLN A 49 -20.66 5.43 -11.52
N GLN A 50 -20.01 5.35 -10.36
CA GLN A 50 -19.75 6.54 -9.56
C GLN A 50 -18.38 7.13 -9.89
N ASP A 51 -18.06 8.25 -9.26
CA ASP A 51 -16.77 8.90 -9.41
C ASP A 51 -15.97 8.77 -8.12
N GLY A 52 -14.70 8.40 -8.24
CA GLY A 52 -13.84 8.26 -7.11
C GLY A 52 -13.13 9.56 -6.78
N PRO A 53 -12.16 9.51 -5.86
CA PRO A 53 -11.51 10.75 -5.41
C PRO A 53 -10.44 11.30 -6.33
N CYS A 54 -9.89 10.51 -7.25
CA CYS A 54 -8.68 10.91 -7.96
C CYS A 54 -9.01 11.78 -9.18
N THR A 55 -8.03 12.58 -9.59
CA THR A 55 -8.04 13.35 -10.83
C THR A 55 -6.72 13.15 -11.53
N PRO A 56 -6.58 13.62 -12.78
CA PRO A 56 -5.26 13.54 -13.44
C PRO A 56 -4.15 14.27 -12.69
N ARG A 57 -4.48 15.27 -11.88
CA ARG A 57 -3.44 16.03 -11.20
C ARG A 57 -3.00 15.43 -9.86
N ARG A 58 -3.86 14.72 -9.13
CA ARG A 58 -3.39 14.06 -7.92
C ARG A 58 -4.21 12.80 -7.62
N CYS A 59 -3.51 11.75 -7.20
CA CYS A 59 -4.14 10.49 -6.84
C CYS A 59 -4.45 10.53 -5.34
N LEU A 60 -5.68 10.18 -4.99
CA LEU A 60 -6.15 10.11 -3.61
C LEU A 60 -6.58 8.69 -3.27
N GLY A 61 -5.87 7.70 -3.85
CA GLY A 61 -6.26 6.32 -3.67
C GLY A 61 -6.06 5.77 -2.27
N SER A 62 -5.22 6.41 -1.45
CA SER A 62 -4.99 5.95 -0.08
C SER A 62 -6.00 6.50 0.91
N LEU A 63 -6.90 7.38 0.48
CA LEU A 63 -7.91 7.93 1.39
C LEU A 63 -8.84 6.83 1.89
N VAL A 64 -9.05 6.78 3.21
CA VAL A 64 -9.91 5.75 3.78
C VAL A 64 -11.36 5.97 3.35
N PHE A 65 -11.89 7.17 3.55
CA PHE A 65 -13.23 7.49 3.08
C PHE A 65 -13.14 8.49 1.93
N PRO A 66 -13.38 8.06 0.68
CA PRO A 66 -13.50 8.99 -0.44
C PRO A 66 -14.81 9.79 -0.42
N ALA A 79 -35.40 13.25 -6.50
CA ALA A 79 -34.64 12.58 -7.56
C ALA A 79 -35.36 11.32 -8.02
N PRO A 80 -36.47 11.49 -8.75
CA PRO A 80 -37.23 10.33 -9.22
C PRO A 80 -36.61 9.69 -10.45
N GLU A 81 -35.99 10.52 -11.31
CA GLU A 81 -35.28 10.00 -12.47
C GLU A 81 -34.00 9.30 -12.07
N GLN A 82 -33.37 9.74 -10.99
CA GLN A 82 -32.17 9.07 -10.49
C GLN A 82 -32.49 7.64 -10.07
N LEU A 83 -33.54 7.45 -9.28
CA LEU A 83 -33.87 6.12 -8.77
C LEU A 83 -34.20 5.19 -9.92
N LEU A 84 -35.05 5.65 -10.85
CA LEU A 84 -35.46 4.82 -11.97
C LEU A 84 -34.26 4.37 -12.81
N SER A 85 -33.34 5.28 -13.09
CA SER A 85 -32.22 4.92 -13.96
C SER A 85 -31.33 3.88 -13.31
N GLN A 86 -31.14 3.97 -11.98
CA GLN A 86 -30.41 2.92 -11.27
C GLN A 86 -31.21 1.64 -11.18
N ALA A 87 -32.52 1.76 -10.94
CA ALA A 87 -33.37 0.56 -10.89
C ALA A 87 -33.31 -0.18 -12.21
N ARG A 88 -33.50 0.55 -13.31
CA ARG A 88 -33.42 -0.05 -14.64
CA ARG A 88 -33.43 -0.06 -14.63
C ARG A 88 -32.07 -0.72 -14.87
N ASP A 89 -30.98 -0.04 -14.48
CA ASP A 89 -29.66 -0.64 -14.68
C ASP A 89 -29.53 -1.94 -13.90
N PHE A 90 -29.99 -1.96 -12.65
CA PHE A 90 -29.89 -3.17 -11.84
C PHE A 90 -30.79 -4.29 -12.37
N ILE A 91 -32.04 -3.97 -12.70
CA ILE A 91 -32.93 -5.02 -13.25
C ILE A 91 -32.32 -5.61 -14.51
N ASN A 92 -31.70 -4.77 -15.35
CA ASN A 92 -31.07 -5.26 -16.57
C ASN A 92 -29.87 -6.15 -16.25
N GLN A 93 -29.11 -5.81 -15.22
CA GLN A 93 -28.00 -6.66 -14.82
C GLN A 93 -28.49 -8.04 -14.42
N TYR A 94 -29.59 -8.08 -13.67
CA TYR A 94 -30.13 -9.34 -13.19
C TYR A 94 -30.49 -10.26 -14.34
N TYR A 95 -31.30 -9.77 -15.29
CA TYR A 95 -31.71 -10.65 -16.39
C TYR A 95 -30.55 -10.98 -17.31
N SER A 96 -29.53 -10.13 -17.37
CA SER A 96 -28.34 -10.46 -18.14
CA SER A 96 -28.34 -10.45 -18.13
C SER A 96 -27.62 -11.65 -17.54
N SER A 97 -27.53 -11.71 -16.20
CA SER A 97 -26.75 -12.76 -15.53
C SER A 97 -27.41 -14.13 -15.65
N ILE A 98 -28.74 -14.18 -15.82
CA ILE A 98 -29.45 -15.44 -15.98
C ILE A 98 -29.74 -15.74 -17.45
N LYS A 99 -29.15 -14.96 -18.37
CA LYS A 99 -29.37 -15.11 -19.81
C LYS A 99 -30.83 -14.92 -20.20
N ARG A 100 -31.49 -13.95 -19.58
CA ARG A 100 -32.90 -13.65 -19.86
C ARG A 100 -33.10 -12.19 -20.29
N SER A 101 -32.11 -11.61 -20.95
CA SER A 101 -32.25 -10.24 -21.47
C SER A 101 -33.19 -10.22 -22.67
N GLY A 102 -34.20 -9.34 -22.61
CA GLY A 102 -35.16 -9.19 -23.66
C GLY A 102 -36.42 -10.02 -23.47
N SER A 103 -36.32 -11.17 -22.80
CA SER A 103 -37.47 -12.05 -22.59
C SER A 103 -38.63 -11.30 -21.93
N GLN A 104 -39.84 -11.83 -22.08
CA GLN A 104 -41.01 -11.09 -21.64
C GLN A 104 -41.13 -11.02 -20.11
N ALA A 105 -40.48 -11.92 -19.38
CA ALA A 105 -40.33 -11.73 -17.95
C ALA A 105 -39.47 -10.50 -17.63
N HIS A 106 -38.40 -10.29 -18.40
CA HIS A 106 -37.60 -9.08 -18.21
C HIS A 106 -38.45 -7.82 -18.45
N GLU A 107 -39.27 -7.84 -19.49
CA GLU A 107 -40.11 -6.68 -19.80
C GLU A 107 -41.15 -6.44 -18.72
N GLN A 108 -41.79 -7.50 -18.20
CA GLN A 108 -42.80 -7.32 -17.16
C GLN A 108 -42.20 -6.72 -15.90
N ARG A 109 -40.99 -7.15 -15.53
CA ARG A 109 -40.37 -6.63 -14.31
C ARG A 109 -40.07 -5.14 -14.45
N LEU A 110 -39.50 -4.73 -15.60
CA LEU A 110 -39.21 -3.32 -15.83
C LEU A 110 -40.47 -2.48 -15.72
N GLN A 111 -41.61 -3.01 -16.20
CA GLN A 111 -42.86 -2.28 -16.14
C GLN A 111 -43.37 -2.17 -14.71
N GLU A 112 -43.17 -3.22 -13.91
CA GLU A 112 -43.60 -3.19 -12.51
C GLU A 112 -42.86 -2.11 -11.72
N VAL A 113 -41.56 -1.96 -11.97
CA VAL A 113 -40.81 -0.92 -11.27
C VAL A 113 -41.25 0.46 -11.72
N GLU A 114 -41.39 0.67 -13.04
CA GLU A 114 -41.93 1.92 -13.55
C GLU A 114 -43.24 2.28 -12.85
N ALA A 115 -44.15 1.32 -12.71
CA ALA A 115 -45.44 1.66 -12.10
C ALA A 115 -45.30 1.93 -10.61
N GLU A 116 -44.51 1.10 -9.91
CA GLU A 116 -44.32 1.29 -8.47
C GLU A 116 -43.73 2.66 -8.16
N VAL A 117 -42.65 3.02 -8.86
CA VAL A 117 -41.96 4.26 -8.51
C VAL A 117 -42.82 5.46 -8.90
N ALA A 118 -43.65 5.32 -9.93
CA ALA A 118 -44.57 6.39 -10.30
C ALA A 118 -45.61 6.63 -9.22
N ALA A 119 -46.09 5.55 -8.60
CA ALA A 119 -47.14 5.62 -7.59
C ALA A 119 -46.63 6.10 -6.23
N THR A 120 -45.46 5.61 -5.81
CA THR A 120 -45.00 5.82 -4.44
C THR A 120 -43.60 6.43 -4.31
N GLY A 121 -42.91 6.68 -5.42
CA GLY A 121 -41.56 7.20 -5.36
C GLY A 121 -40.50 6.19 -4.98
N THR A 122 -40.87 4.92 -4.81
CA THR A 122 -39.92 3.86 -4.51
C THR A 122 -40.49 2.56 -5.06
N TYR A 123 -39.75 1.48 -4.86
CA TYR A 123 -40.21 0.14 -5.23
C TYR A 123 -39.51 -0.87 -4.33
N GLN A 124 -40.01 -2.11 -4.36
CA GLN A 124 -39.43 -3.20 -3.59
C GLN A 124 -38.90 -4.29 -4.50
N LEU A 125 -37.81 -4.92 -4.06
CA LEU A 125 -37.15 -5.97 -4.82
C LEU A 125 -37.82 -7.32 -4.60
N ARG A 126 -37.80 -8.14 -5.66
CA ARG A 126 -38.12 -9.55 -5.51
C ARG A 126 -37.04 -10.24 -4.71
N GLU A 127 -37.40 -11.40 -4.18
CA GLU A 127 -36.51 -12.17 -3.30
C GLU A 127 -35.22 -12.56 -4.01
N SER A 128 -35.33 -13.09 -5.23
CA SER A 128 -34.12 -13.49 -5.95
C SER A 128 -33.29 -12.28 -6.34
N GLU A 129 -33.94 -11.17 -6.71
CA GLU A 129 -33.20 -9.94 -7.00
C GLU A 129 -32.37 -9.51 -5.79
N LEU A 130 -32.99 -9.55 -4.61
CA LEU A 130 -32.27 -9.25 -3.36
C LEU A 130 -31.03 -10.13 -3.20
N VAL A 131 -31.19 -11.44 -3.39
CA VAL A 131 -30.06 -12.36 -3.20
C VAL A 131 -28.96 -12.05 -4.20
N PHE A 132 -29.33 -11.88 -5.47
CA PHE A 132 -28.36 -11.51 -6.50
C PHE A 132 -27.70 -10.17 -6.19
N GLY A 133 -28.46 -9.21 -5.66
CA GLY A 133 -27.90 -7.92 -5.35
C GLY A 133 -26.91 -7.96 -4.20
N ALA A 134 -27.18 -8.80 -3.19
CA ALA A 134 -26.27 -8.93 -2.07
C ALA A 134 -24.96 -9.59 -2.51
N LYS A 135 -25.04 -10.63 -3.34
CA LYS A 135 -23.83 -11.27 -3.86
C LYS A 135 -22.98 -10.30 -4.68
N GLN A 136 -23.61 -9.53 -5.58
CA GLN A 136 -22.84 -8.62 -6.43
C GLN A 136 -22.20 -7.51 -5.60
N ALA A 137 -22.88 -7.05 -4.56
CA ALA A 137 -22.32 -6.01 -3.71
C ALA A 137 -21.05 -6.50 -3.03
N TRP A 138 -21.06 -7.75 -2.57
CA TRP A 138 -19.84 -8.36 -2.05
C TRP A 138 -18.80 -8.50 -3.16
N ARG A 139 -19.19 -9.07 -4.29
CA ARG A 139 -18.28 -9.27 -5.42
C ARG A 139 -17.68 -7.96 -5.90
N ASN A 140 -18.39 -6.84 -5.75
CA ASN A 140 -17.91 -5.56 -6.23
C ASN A 140 -17.07 -4.80 -5.20
N ALA A 141 -16.90 -5.32 -3.97
CA ALA A 141 -16.23 -4.61 -2.89
C ALA A 141 -14.72 -4.58 -3.12
N PRO A 142 -14.14 -3.44 -3.48
CA PRO A 142 -12.72 -3.46 -3.91
C PRO A 142 -11.75 -3.76 -2.80
N ARG A 143 -12.13 -3.57 -1.54
CA ARG A 143 -11.20 -3.76 -0.44
C ARG A 143 -11.25 -5.17 0.16
N CYS A 144 -12.15 -6.06 -0.31
CA CYS A 144 -12.30 -7.39 0.27
C CYS A 144 -11.39 -8.38 -0.45
N VAL A 145 -10.48 -9.02 0.28
CA VAL A 145 -9.63 -10.05 -0.29
C VAL A 145 -10.30 -11.42 -0.32
N GLY A 146 -11.44 -11.58 0.32
CA GLY A 146 -12.03 -12.90 0.40
C GLY A 146 -13.07 -13.16 -0.67
N ARG A 147 -13.01 -12.43 -1.79
CA ARG A 147 -14.12 -12.46 -2.76
C ARG A 147 -14.18 -13.72 -3.61
N ILE A 148 -13.17 -14.60 -3.55
CA ILE A 148 -13.30 -15.91 -4.18
C ILE A 148 -14.57 -16.63 -3.74
N GLN A 149 -15.08 -16.30 -2.54
CA GLN A 149 -16.26 -16.91 -1.94
C GLN A 149 -17.56 -16.23 -2.32
N TRP A 150 -17.54 -15.29 -3.29
CA TRP A 150 -18.67 -14.38 -3.44
C TRP A 150 -19.95 -15.10 -3.86
N GLY A 151 -19.83 -16.22 -4.56
CA GLY A 151 -21.04 -16.91 -4.97
C GLY A 151 -21.72 -17.72 -3.89
N LYS A 152 -21.07 -17.88 -2.74
CA LYS A 152 -21.59 -18.69 -1.63
C LYS A 152 -21.94 -17.72 -0.50
N LEU A 153 -23.19 -17.27 -0.46
CA LEU A 153 -23.61 -16.28 0.52
C LEU A 153 -25.06 -16.56 0.92
N GLN A 154 -25.30 -16.77 2.20
CA GLN A 154 -26.66 -16.98 2.68
C GLN A 154 -27.32 -15.63 2.92
N VAL A 155 -28.51 -15.45 2.36
CA VAL A 155 -29.20 -14.17 2.40
C VAL A 155 -30.50 -14.35 3.18
N PHE A 156 -30.57 -13.68 4.33
CA PHE A 156 -31.74 -13.71 5.19
C PHE A 156 -32.59 -12.46 4.94
N ASP A 157 -33.79 -12.66 4.40
CA ASP A 157 -34.66 -11.53 4.10
C ASP A 157 -35.40 -11.14 5.37
N ALA A 158 -35.10 -9.95 5.89
CA ALA A 158 -35.73 -9.43 7.09
C ALA A 158 -36.49 -8.14 6.80
N ARG A 159 -36.89 -7.94 5.55
CA ARG A 159 -37.59 -6.74 5.11
C ARG A 159 -39.01 -6.64 5.63
N ASP A 160 -39.51 -7.64 6.35
CA ASP A 160 -40.79 -7.51 7.03
C ASP A 160 -40.64 -7.12 8.50
N CYS A 161 -39.42 -6.80 8.94
CA CYS A 161 -39.18 -6.51 10.35
C CYS A 161 -39.97 -5.29 10.80
N ARG A 162 -40.57 -5.38 11.99
CA ARG A 162 -41.47 -4.36 12.51
C ARG A 162 -40.91 -3.55 13.67
N SER A 163 -40.07 -4.15 14.52
CA SER A 163 -39.67 -3.52 15.76
C SER A 163 -38.20 -3.81 16.06
N ALA A 164 -37.67 -3.10 17.05
CA ALA A 164 -36.31 -3.39 17.52
C ALA A 164 -36.23 -4.77 18.14
N GLN A 165 -37.30 -5.24 18.78
CA GLN A 165 -37.29 -6.58 19.34
C GLN A 165 -37.22 -7.64 18.23
N GLU A 166 -37.99 -7.45 17.16
CA GLU A 166 -37.92 -8.39 16.04
C GLU A 166 -36.56 -8.32 15.36
N MET A 167 -36.03 -7.12 15.21
CA MET A 167 -34.69 -6.96 14.65
C MET A 167 -33.67 -7.76 15.45
N PHE A 168 -33.76 -7.70 16.78
CA PHE A 168 -32.83 -8.43 17.64
C PHE A 168 -32.97 -9.94 17.45
N THR A 169 -34.20 -10.41 17.27
CA THR A 169 -34.41 -11.83 16.97
C THR A 169 -33.71 -12.22 15.66
N TYR A 170 -33.94 -11.44 14.61
CA TYR A 170 -33.29 -11.71 13.32
C TYR A 170 -31.77 -11.74 13.45
N ILE A 171 -31.20 -10.77 14.17
CA ILE A 171 -29.75 -10.73 14.35
C ILE A 171 -29.26 -12.00 15.04
N CYS A 172 -30.01 -12.48 16.04
CA CYS A 172 -29.59 -13.66 16.78
C CYS A 172 -29.60 -14.91 15.90
N ASN A 173 -30.60 -15.05 15.03
CA ASN A 173 -30.61 -16.15 14.08
C ASN A 173 -29.39 -16.12 13.17
N HIS A 174 -29.04 -14.92 12.67
CA HIS A 174 -27.88 -14.77 11.78
C HIS A 174 -26.61 -15.29 12.46
N ILE A 175 -26.34 -14.82 13.69
CA ILE A 175 -25.13 -15.23 14.40
C ILE A 175 -25.09 -16.75 14.54
N LYS A 176 -26.22 -17.35 14.92
CA LYS A 176 -26.27 -18.80 15.09
C LYS A 176 -26.04 -19.53 13.77
N TYR A 177 -26.75 -19.13 12.71
CA TYR A 177 -26.49 -19.74 11.41
C TYR A 177 -25.03 -19.55 10.99
N ALA A 178 -24.53 -18.32 11.09
CA ALA A 178 -23.20 -18.02 10.56
C ALA A 178 -22.09 -18.66 11.37
N THR A 179 -22.27 -18.78 12.68
CA THR A 179 -21.24 -19.39 13.52
C THR A 179 -21.15 -20.89 13.27
N ASN A 180 -22.29 -21.59 13.36
CA ASN A 180 -22.39 -23.00 12.96
C ASN A 180 -21.34 -23.84 13.69
N ARG A 181 -21.29 -23.67 15.01
CA ARG A 181 -20.38 -24.43 15.89
C ARG A 181 -18.91 -24.20 15.56
N GLY A 182 -18.60 -23.11 14.86
CA GLY A 182 -17.24 -22.84 14.44
C GLY A 182 -16.95 -23.15 12.99
N ASN A 183 -17.86 -23.81 12.28
CA ASN A 183 -17.68 -24.05 10.85
C ASN A 183 -18.40 -22.91 10.11
N LEU A 184 -17.70 -21.78 10.01
CA LEU A 184 -18.35 -20.52 9.70
C LEU A 184 -18.94 -20.51 8.30
N ARG A 185 -20.08 -19.84 8.16
CA ARG A 185 -20.77 -19.70 6.89
C ARG A 185 -21.08 -18.24 6.63
N SER A 186 -20.70 -17.76 5.44
CA SER A 186 -20.97 -16.38 5.04
C SER A 186 -22.47 -16.10 5.00
N ALA A 187 -22.87 -14.94 5.49
CA ALA A 187 -24.30 -14.65 5.56
C ALA A 187 -24.55 -13.15 5.64
N ILE A 188 -25.73 -12.74 5.16
CA ILE A 188 -26.17 -11.35 5.25
C ILE A 188 -27.66 -11.33 5.54
N THR A 189 -28.07 -10.49 6.49
CA THR A 189 -29.47 -10.28 6.81
C THR A 189 -29.84 -8.85 6.46
N VAL A 190 -30.94 -8.67 5.72
CA VAL A 190 -31.33 -7.37 5.20
C VAL A 190 -32.62 -6.92 5.86
N PHE A 191 -32.59 -5.76 6.49
CA PHE A 191 -33.73 -5.11 7.11
C PHE A 191 -34.37 -4.11 6.15
N PRO A 192 -35.57 -3.59 6.48
CA PRO A 192 -36.31 -2.75 5.52
C PRO A 192 -35.52 -1.60 4.91
N GLN A 193 -35.85 -1.29 3.66
CA GLN A 193 -35.23 -0.19 2.93
C GLN A 193 -35.55 1.15 3.60
N ARG A 194 -34.70 2.15 3.37
CA ARG A 194 -35.04 3.47 3.84
C ARG A 194 -36.09 4.08 2.93
N CYS A 195 -36.72 5.16 3.39
CA CYS A 195 -37.70 5.87 2.57
C CYS A 195 -37.92 7.27 3.11
N PRO A 196 -38.34 8.23 2.28
CA PRO A 196 -38.56 9.59 2.78
C PRO A 196 -39.65 9.63 3.84
N GLY A 197 -39.48 10.51 4.80
CA GLY A 197 -40.35 10.53 5.98
C GLY A 197 -39.69 9.84 7.16
N ARG A 198 -40.18 8.64 7.51
CA ARG A 198 -39.78 7.95 8.72
C ARG A 198 -38.28 7.69 8.77
N GLY A 199 -37.78 7.51 9.99
CA GLY A 199 -36.39 7.16 10.21
C GLY A 199 -36.08 5.76 9.73
N ASP A 200 -34.84 5.37 9.98
CA ASP A 200 -34.30 4.11 9.46
C ASP A 200 -34.09 3.10 10.58
N PHE A 201 -34.08 1.83 10.18
CA PHE A 201 -33.49 0.80 11.01
C PHE A 201 -31.98 0.96 10.96
N ARG A 202 -31.35 1.08 12.12
CA ARG A 202 -29.90 1.16 12.21
C ARG A 202 -29.43 0.22 13.32
N ILE A 203 -28.26 -0.37 13.10
CA ILE A 203 -27.51 -1.03 14.15
C ILE A 203 -26.42 -0.07 14.57
N TRP A 204 -26.57 0.53 15.76
CA TRP A 204 -25.60 1.52 16.21
C TRP A 204 -24.22 0.94 16.44
N ASN A 205 -24.09 -0.37 16.60
CA ASN A 205 -22.80 -1.02 16.72
C ASN A 205 -22.15 -1.16 15.34
N SER A 206 -20.83 -0.95 15.27
CA SER A 206 -20.11 -1.10 14.01
C SER A 206 -19.98 -2.56 13.61
N GLN A 207 -19.88 -3.46 14.60
CA GLN A 207 -19.98 -4.89 14.38
C GLN A 207 -20.91 -5.49 15.42
N LEU A 208 -21.41 -6.70 15.13
CA LEU A 208 -22.31 -7.38 16.05
C LEU A 208 -21.59 -7.79 17.33
N VAL A 209 -20.36 -8.26 17.21
CA VAL A 209 -19.53 -8.63 18.35
C VAL A 209 -18.43 -7.59 18.48
N ARG A 210 -18.44 -6.84 19.58
CA ARG A 210 -17.44 -5.82 19.85
C ARG A 210 -17.13 -5.82 21.34
N TYR A 211 -15.85 -5.74 21.68
CA TYR A 211 -15.48 -5.65 23.08
C TYR A 211 -15.58 -4.20 23.58
N ALA A 212 -15.96 -4.07 24.85
CA ALA A 212 -16.12 -2.76 25.47
C ALA A 212 -14.78 -2.04 25.64
N GLY A 213 -14.80 -0.73 25.42
CA GLY A 213 -13.65 0.11 25.72
C GLY A 213 -13.99 1.12 26.80
N TYR A 214 -13.25 1.07 27.90
CA TYR A 214 -13.60 1.81 29.10
C TYR A 214 -12.64 2.99 29.28
N ARG A 215 -13.09 4.18 28.87
CA ARG A 215 -12.38 5.41 29.18
C ARG A 215 -12.14 5.50 30.67
N GLN A 216 -10.90 5.73 31.07
CA GLN A 216 -10.49 5.47 32.45
C GLN A 216 -10.41 6.74 33.28
N GLN A 217 -10.52 6.54 34.59
CA GLN A 217 -10.32 7.58 35.59
C GLN A 217 -8.99 8.30 35.43
N ASP A 218 -8.00 7.65 34.81
CA ASP A 218 -6.64 8.19 34.71
C ASP A 218 -6.18 8.36 33.26
N GLY A 219 -7.11 8.43 32.31
CA GLY A 219 -6.75 8.77 30.94
C GLY A 219 -6.69 7.63 29.94
N SER A 220 -6.20 6.47 30.36
CA SER A 220 -5.99 5.34 29.46
C SER A 220 -7.33 4.72 29.06
N VAL A 221 -7.26 3.54 28.45
CA VAL A 221 -8.43 2.79 28.04
C VAL A 221 -8.28 1.34 28.48
N ARG A 222 -9.37 0.75 28.96
CA ARG A 222 -9.42 -0.66 29.31
C ARG A 222 -10.31 -1.37 28.32
N GLY A 223 -9.77 -2.37 27.63
CA GLY A 223 -10.48 -3.03 26.57
C GLY A 223 -10.08 -2.51 25.20
N ASP A 224 -11.03 -2.44 24.27
CA ASP A 224 -10.71 -2.05 22.91
C ASP A 224 -10.89 -0.54 22.76
N PRO A 225 -9.83 0.23 22.51
CA PRO A 225 -9.98 1.69 22.39
C PRO A 225 -10.79 2.12 21.17
N ALA A 226 -10.93 1.26 20.16
CA ALA A 226 -11.73 1.61 19.00
C ALA A 226 -13.23 1.63 19.29
N ASN A 227 -13.66 1.16 20.46
CA ASN A 227 -15.07 1.07 20.80
C ASN A 227 -15.42 1.93 22.02
N VAL A 228 -14.67 3.01 22.23
CA VAL A 228 -14.93 3.86 23.40
C VAL A 228 -16.23 4.65 23.22
N GLU A 229 -16.48 5.14 22.00
CA GLU A 229 -17.69 5.92 21.75
C GLU A 229 -18.93 5.06 21.96
N ILE A 230 -18.98 3.89 21.33
CA ILE A 230 -20.15 3.03 21.44
C ILE A 230 -20.34 2.53 22.86
N THR A 231 -19.24 2.32 23.59
CA THR A 231 -19.37 1.89 24.99
C THR A 231 -19.95 2.99 25.86
N GLU A 232 -19.60 4.25 25.58
CA GLU A 232 -20.24 5.38 26.28
C GLU A 232 -21.74 5.40 26.03
N LEU A 233 -22.15 5.06 24.81
CA LEU A 233 -23.56 5.13 24.45
C LEU A 233 -24.37 4.02 25.11
N CYS A 234 -23.79 2.84 25.28
CA CYS A 234 -24.50 1.75 25.94
C CYS A 234 -24.69 2.05 27.43
N ILE A 235 -23.72 2.70 28.06
CA ILE A 235 -23.88 3.10 29.47
C ILE A 235 -25.02 4.10 29.59
N GLN A 236 -25.03 5.11 28.70
CA GLN A 236 -26.09 6.13 28.69
C GLN A 236 -27.42 5.61 28.17
N HIS A 237 -27.57 4.30 28.00
CA HIS A 237 -28.87 3.69 27.68
C HIS A 237 -29.20 2.55 28.63
N GLY A 238 -28.57 2.53 29.80
CA GLY A 238 -28.94 1.56 30.81
C GLY A 238 -28.25 0.22 30.70
N TRP A 239 -26.97 0.21 30.34
CA TRP A 239 -26.16 -1.00 30.45
C TRP A 239 -25.27 -0.86 31.68
N THR A 240 -25.38 -1.82 32.59
CA THR A 240 -24.40 -1.91 33.66
C THR A 240 -23.09 -2.41 33.08
N PRO A 241 -22.04 -1.61 33.05
CA PRO A 241 -20.81 -2.06 32.39
C PRO A 241 -20.04 -3.04 33.25
N GLY A 242 -19.12 -3.75 32.60
CA GLY A 242 -18.13 -4.56 33.28
C GLY A 242 -16.83 -3.82 33.47
N ASN A 243 -15.79 -4.57 33.86
CA ASN A 243 -14.46 -4.00 33.97
C ASN A 243 -13.39 -4.98 33.50
N GLY A 244 -13.71 -5.80 32.50
CA GLY A 244 -12.75 -6.69 31.88
C GLY A 244 -12.27 -6.15 30.55
N ARG A 245 -11.17 -6.72 30.07
CA ARG A 245 -10.60 -6.30 28.79
C ARG A 245 -11.36 -6.85 27.60
N PHE A 246 -12.24 -7.83 27.81
CA PHE A 246 -12.96 -8.48 26.72
C PHE A 246 -14.43 -8.66 27.09
N ASP A 247 -15.11 -7.55 27.38
CA ASP A 247 -16.54 -7.57 27.69
C ASP A 247 -17.33 -7.34 26.41
N VAL A 248 -18.09 -8.35 25.99
CA VAL A 248 -18.93 -8.24 24.80
C VAL A 248 -19.99 -7.17 25.01
N LEU A 249 -20.05 -6.21 24.08
CA LEU A 249 -21.00 -5.12 24.23
C LEU A 249 -22.42 -5.56 23.88
N PRO A 250 -23.43 -4.90 24.44
CA PRO A 250 -24.79 -5.08 23.93
C PRO A 250 -24.98 -4.38 22.59
N LEU A 251 -26.05 -4.78 21.92
CA LEU A 251 -26.41 -4.21 20.62
C LEU A 251 -27.43 -3.08 20.83
N LEU A 252 -27.10 -1.90 20.33
CA LEU A 252 -28.05 -0.80 20.26
C LEU A 252 -28.84 -0.92 18.97
N LEU A 253 -30.15 -1.16 19.08
CA LEU A 253 -31.01 -1.36 17.92
C LEU A 253 -32.10 -0.29 17.91
N GLN A 254 -32.41 0.20 16.71
CA GLN A 254 -33.26 1.38 16.57
C GLN A 254 -34.23 1.17 15.43
N ALA A 255 -35.54 1.30 15.73
CA ALA A 255 -36.62 1.31 14.77
C ALA A 255 -36.87 2.73 14.27
N PRO A 256 -37.56 2.89 13.14
CA PRO A 256 -37.79 4.23 12.58
C PRO A 256 -38.40 5.21 13.59
N ASP A 257 -37.82 6.42 13.63
CA ASP A 257 -38.26 7.53 14.48
C ASP A 257 -38.34 7.18 15.97
N GLU A 258 -38.74 5.95 16.28
CA GLU A 258 -38.63 5.43 17.63
C GLU A 258 -37.16 5.42 18.05
N PRO A 259 -36.88 5.47 19.35
CA PRO A 259 -35.50 5.64 19.81
C PRO A 259 -34.71 4.35 19.69
N PRO A 260 -33.42 4.37 20.02
CA PRO A 260 -32.65 3.11 20.10
C PRO A 260 -32.71 2.48 21.47
N GLU A 261 -32.80 1.15 21.49
CA GLU A 261 -32.99 0.38 22.71
C GLU A 261 -31.89 -0.67 22.83
N LEU A 262 -31.40 -0.85 24.06
CA LEU A 262 -30.33 -1.82 24.33
C LEU A 262 -30.87 -3.25 24.30
N PHE A 263 -29.96 -4.18 24.00
CA PHE A 263 -30.29 -5.60 23.93
C PHE A 263 -29.06 -6.41 24.31
N LEU A 264 -29.23 -7.34 25.26
CA LEU A 264 -28.14 -8.15 25.77
C LEU A 264 -27.99 -9.42 24.94
N LEU A 265 -26.77 -9.71 24.53
CA LEU A 265 -26.50 -10.90 23.71
C LEU A 265 -26.29 -12.13 24.59
N PRO A 266 -26.93 -13.25 24.23
CA PRO A 266 -26.72 -14.49 24.99
C PRO A 266 -25.25 -14.90 24.95
N PRO A 267 -24.68 -15.22 26.11
CA PRO A 267 -23.22 -15.46 26.16
C PRO A 267 -22.75 -16.67 25.35
N GLU A 268 -23.60 -17.67 25.12
CA GLU A 268 -23.19 -18.82 24.31
C GLU A 268 -23.65 -18.71 22.86
N LEU A 269 -24.29 -17.60 22.49
CA LEU A 269 -24.43 -17.26 21.07
C LEU A 269 -23.14 -16.72 20.49
N VAL A 270 -22.30 -16.11 21.33
CA VAL A 270 -21.10 -15.42 20.88
C VAL A 270 -19.92 -16.35 21.17
N LEU A 271 -19.38 -16.95 20.12
CA LEU A 271 -18.28 -17.89 20.26
C LEU A 271 -16.97 -17.13 20.38
N GLU A 272 -16.13 -17.52 21.33
CA GLU A 272 -14.84 -16.89 21.52
C GLU A 272 -13.74 -17.95 21.53
N VAL A 273 -12.55 -17.53 21.15
CA VAL A 273 -11.39 -18.39 21.01
C VAL A 273 -10.32 -17.87 21.96
N PRO A 274 -9.96 -18.60 23.02
CA PRO A 274 -8.81 -18.16 23.83
C PRO A 274 -7.53 -18.35 23.06
N LEU A 275 -6.62 -17.38 23.19
CA LEU A 275 -5.41 -17.41 22.40
C LEU A 275 -4.29 -18.12 23.16
N GLU A 276 -3.71 -19.13 22.53
CA GLU A 276 -2.56 -19.85 23.04
CA GLU A 276 -2.56 -19.85 23.05
C GLU A 276 -1.55 -20.02 21.92
N HIS A 277 -0.30 -20.23 22.29
CA HIS A 277 0.74 -20.39 21.28
C HIS A 277 1.20 -21.84 21.25
N PRO A 278 1.54 -22.37 20.07
CA PRO A 278 1.87 -23.80 19.99
C PRO A 278 3.12 -24.19 20.76
N THR A 279 4.11 -23.31 20.89
CA THR A 279 5.31 -23.67 21.64
C THR A 279 5.66 -22.71 22.77
N LEU A 280 5.14 -21.49 22.78
CA LEU A 280 5.41 -20.54 23.85
C LEU A 280 4.32 -20.71 24.91
N GLU A 281 4.64 -21.47 25.97
CA GLU A 281 3.63 -21.84 26.95
C GLU A 281 3.10 -20.65 27.74
N TRP A 282 3.91 -19.60 27.91
CA TRP A 282 3.47 -18.42 28.65
C TRP A 282 2.44 -17.58 27.90
N PHE A 283 2.24 -17.82 26.60
CA PHE A 283 1.36 -16.94 25.84
C PHE A 283 -0.07 -16.99 26.34
N ALA A 284 -0.51 -18.18 26.78
CA ALA A 284 -1.85 -18.30 27.33
C ALA A 284 -2.03 -17.46 28.59
N ALA A 285 -0.98 -17.31 29.40
CA ALA A 285 -1.09 -16.50 30.61
C ALA A 285 -1.42 -15.03 30.33
N LEU A 286 -1.28 -14.57 29.08
CA LEU A 286 -1.64 -13.19 28.80
C LEU A 286 -3.15 -12.99 28.78
N GLY A 287 -3.92 -14.07 28.77
CA GLY A 287 -5.36 -13.98 28.85
C GLY A 287 -6.01 -13.31 27.66
N LEU A 288 -5.41 -13.47 26.48
CA LEU A 288 -5.95 -12.90 25.25
C LEU A 288 -7.02 -13.82 24.68
N ARG A 289 -7.96 -13.23 23.96
CA ARG A 289 -9.01 -13.99 23.28
C ARG A 289 -9.48 -13.15 22.12
N TRP A 290 -10.26 -13.78 21.25
CA TRP A 290 -10.98 -13.04 20.22
C TRP A 290 -12.22 -13.83 19.85
N TYR A 291 -13.14 -13.19 19.15
CA TYR A 291 -14.39 -13.82 18.79
C TYR A 291 -14.30 -14.43 17.40
N ALA A 292 -15.13 -15.44 17.16
CA ALA A 292 -15.04 -16.20 15.92
C ALA A 292 -15.58 -15.42 14.74
N LEU A 293 -16.65 -14.66 14.94
CA LEU A 293 -17.49 -14.18 13.84
C LEU A 293 -17.23 -12.71 13.53
N PRO A 294 -16.61 -12.36 12.39
CA PRO A 294 -16.52 -10.94 11.98
C PRO A 294 -17.81 -10.55 11.26
N ALA A 295 -18.56 -9.63 11.87
CA ALA A 295 -19.92 -9.32 11.42
C ALA A 295 -20.12 -7.80 11.40
N VAL A 296 -20.00 -7.21 10.23
CA VAL A 296 -20.04 -5.76 10.05
C VAL A 296 -21.49 -5.29 10.01
N SER A 297 -21.86 -4.39 10.92
CA SER A 297 -23.25 -4.04 11.11
C SER A 297 -23.54 -2.56 10.88
N ASN A 298 -22.60 -1.79 10.34
CA ASN A 298 -22.79 -0.34 10.20
C ASN A 298 -22.72 0.17 8.76
N MET A 299 -22.63 -0.72 7.76
CA MET A 299 -22.52 -0.29 6.37
C MET A 299 -23.87 -0.33 5.69
N LEU A 300 -24.02 0.52 4.70
CA LEU A 300 -25.28 0.66 3.97
C LEU A 300 -25.20 -0.15 2.68
N LEU A 301 -26.18 -1.03 2.46
CA LEU A 301 -26.26 -1.81 1.23
C LEU A 301 -27.13 -1.09 0.20
N GLU A 302 -26.61 -0.93 -1.01
CA GLU A 302 -27.28 -0.19 -2.08
C GLU A 302 -27.45 -1.12 -3.27
N ILE A 303 -28.71 -1.33 -3.67
CA ILE A 303 -29.09 -2.21 -4.77
C ILE A 303 -30.11 -1.47 -5.63
N GLY A 304 -29.81 -1.32 -6.91
CA GLY A 304 -30.76 -0.73 -7.84
C GLY A 304 -31.40 0.56 -7.38
N GLY A 305 -30.63 1.42 -6.73
CA GLY A 305 -31.13 2.71 -6.30
C GLY A 305 -31.81 2.71 -4.96
N LEU A 306 -32.06 1.53 -4.40
CA LEU A 306 -32.59 1.41 -3.06
C LEU A 306 -31.43 1.25 -2.08
N GLU A 307 -31.69 1.60 -0.82
CA GLU A 307 -30.63 1.69 0.20
C GLU A 307 -31.12 1.00 1.45
N PHE A 308 -30.24 0.20 2.06
CA PHE A 308 -30.57 -0.60 3.24
C PHE A 308 -29.61 -0.20 4.34
N PRO A 309 -30.00 0.74 5.22
CA PRO A 309 -29.07 1.19 6.28
C PRO A 309 -28.74 0.11 7.32
N ALA A 310 -29.54 -0.94 7.42
CA ALA A 310 -29.31 -2.03 8.36
C ALA A 310 -29.29 -3.33 7.58
N ALA A 311 -28.09 -3.88 7.36
CA ALA A 311 -27.92 -5.13 6.62
C ALA A 311 -26.61 -5.79 7.05
N PRO A 312 -26.54 -6.28 8.29
CA PRO A 312 -25.28 -6.83 8.79
C PRO A 312 -24.85 -8.06 8.01
N PHE A 313 -23.55 -8.15 7.73
CA PHE A 313 -22.98 -9.25 6.95
C PHE A 313 -21.76 -9.80 7.69
N SER A 314 -21.49 -11.09 7.47
CA SER A 314 -20.43 -11.77 8.21
C SER A 314 -19.75 -12.80 7.33
N GLY A 315 -18.48 -13.08 7.63
CA GLY A 315 -17.71 -14.11 6.95
C GLY A 315 -16.87 -14.90 7.93
N TRP A 316 -15.59 -15.05 7.63
CA TRP A 316 -14.66 -15.56 8.63
C TRP A 316 -13.37 -14.76 8.54
N TYR A 317 -12.60 -14.78 9.62
CA TYR A 317 -11.42 -13.91 9.74
C TYR A 317 -10.26 -14.40 8.90
N MET A 318 -9.52 -13.44 8.34
CA MET A 318 -8.11 -13.63 8.00
C MET A 318 -7.28 -13.33 9.24
N SER A 319 -6.33 -14.21 9.56
CA SER A 319 -5.63 -14.14 10.84
C SER A 319 -4.95 -12.79 11.09
N THR A 320 -4.35 -12.18 10.05
CA THR A 320 -3.68 -10.90 10.29
C THR A 320 -4.64 -9.83 10.77
N GLU A 321 -5.94 -9.92 10.43
CA GLU A 321 -6.90 -8.96 10.96
C GLU A 321 -6.91 -8.97 12.48
N ILE A 322 -6.90 -10.16 13.07
CA ILE A 322 -6.87 -10.29 14.51
C ILE A 322 -5.48 -10.05 15.05
N GLY A 323 -4.52 -10.81 14.53
CA GLY A 323 -3.19 -10.77 15.09
C GLY A 323 -2.47 -9.46 14.85
N THR A 324 -2.62 -8.88 13.66
CA THR A 324 -1.83 -7.70 13.40
C THR A 324 -2.59 -6.41 13.68
N ARG A 325 -3.81 -6.28 13.16
CA ARG A 325 -4.52 -5.02 13.35
C ARG A 325 -5.14 -4.93 14.75
N ASN A 326 -5.93 -5.93 15.14
CA ASN A 326 -6.71 -5.75 16.37
C ASN A 326 -5.84 -5.83 17.62
N LEU A 327 -4.82 -6.69 17.63
CA LEU A 327 -4.00 -6.87 18.82
C LEU A 327 -2.74 -6.03 18.84
N CYS A 328 -2.19 -5.66 17.67
CA CYS A 328 -0.90 -4.98 17.61
C CYS A 328 -0.96 -3.50 17.22
N ASP A 329 -2.06 -3.03 16.63
CA ASP A 329 -2.15 -1.60 16.31
C ASP A 329 -1.93 -0.80 17.59
N PRO A 330 -1.11 0.25 17.55
CA PRO A 330 -0.87 1.04 18.78
C PRO A 330 -2.10 1.72 19.31
N HIS A 331 -3.13 1.89 18.48
CA HIS A 331 -4.38 2.52 18.90
C HIS A 331 -5.46 1.47 19.16
N ARG A 332 -5.09 0.21 19.28
CA ARG A 332 -6.01 -0.86 19.64
C ARG A 332 -5.50 -1.52 20.92
N TYR A 333 -5.38 -2.85 20.95
CA TYR A 333 -4.92 -3.48 22.19
C TYR A 333 -3.43 -3.28 22.44
N ASN A 334 -2.63 -3.06 21.40
CA ASN A 334 -1.25 -2.59 21.54
C ASN A 334 -0.43 -3.51 22.46
N ILE A 335 -0.39 -4.81 22.10
CA ILE A 335 0.28 -5.81 22.95
C ILE A 335 1.70 -6.11 22.51
N LEU A 336 2.17 -5.48 21.43
CA LEU A 336 3.45 -5.87 20.82
C LEU A 336 4.59 -5.93 21.83
N GLU A 337 4.72 -4.90 22.67
CA GLU A 337 5.87 -4.84 23.55
C GLU A 337 5.79 -5.88 24.66
N ASP A 338 4.58 -6.09 25.21
CA ASP A 338 4.40 -7.11 26.24
C ASP A 338 4.82 -8.48 25.72
N VAL A 339 4.39 -8.83 24.51
CA VAL A 339 4.80 -10.08 23.88
C VAL A 339 6.30 -10.12 23.64
N ALA A 340 6.88 -8.99 23.20
CA ALA A 340 8.32 -8.98 22.93
C ALA A 340 9.11 -9.17 24.22
N VAL A 341 8.65 -8.59 25.32
CA VAL A 341 9.34 -8.76 26.59
C VAL A 341 9.28 -10.22 27.04
N CYS A 342 8.12 -10.88 26.87
CA CYS A 342 8.02 -12.30 27.24
C CYS A 342 8.88 -13.19 26.36
N MET A 343 9.14 -12.76 25.12
CA MET A 343 10.02 -13.47 24.20
C MET A 343 11.48 -13.18 24.45
N ASP A 344 11.79 -12.36 25.47
CA ASP A 344 13.16 -12.00 25.83
C ASP A 344 13.87 -11.23 24.70
N LEU A 345 13.12 -10.40 23.99
CA LEU A 345 13.68 -9.64 22.88
C LEU A 345 14.17 -8.28 23.36
N ASP A 346 15.09 -7.68 22.59
CA ASP A 346 15.68 -6.39 22.96
C ASP A 346 14.79 -5.27 22.44
N THR A 347 13.94 -4.74 23.31
CA THR A 347 13.02 -3.67 22.90
C THR A 347 13.64 -2.28 22.93
N ARG A 348 14.92 -2.17 23.30
CA ARG A 348 15.57 -0.86 23.39
C ARG A 348 15.64 -0.18 22.03
N THR A 349 16.13 -0.90 21.03
CA THR A 349 16.40 -0.36 19.69
C THR A 349 15.51 -1.06 18.66
N THR A 350 15.05 -0.30 17.67
CA THR A 350 14.17 -0.89 16.66
C THR A 350 14.90 -1.83 15.74
N SER A 351 16.23 -1.76 15.66
CA SER A 351 16.95 -2.57 14.68
C SER A 351 17.09 -4.02 15.10
N SER A 352 16.65 -4.40 16.32
CA SER A 352 16.49 -5.82 16.63
C SER A 352 15.27 -6.44 15.94
N LEU A 353 14.41 -5.62 15.33
CA LEU A 353 13.19 -6.10 14.71
C LEU A 353 12.31 -6.85 15.70
N TRP A 354 12.37 -6.44 16.97
CA TRP A 354 11.51 -7.07 17.97
C TRP A 354 10.04 -6.90 17.62
N LYS A 355 9.66 -5.76 17.04
CA LYS A 355 8.26 -5.59 16.65
C LYS A 355 7.85 -6.64 15.64
N ASP A 356 8.68 -6.86 14.62
CA ASP A 356 8.33 -7.81 13.58
C ASP A 356 8.28 -9.23 14.12
N LYS A 357 9.18 -9.58 15.05
CA LYS A 357 9.19 -10.92 15.60
C LYS A 357 7.97 -11.17 16.47
N ALA A 358 7.67 -10.23 17.36
CA ALA A 358 6.51 -10.39 18.23
C ALA A 358 5.24 -10.47 17.40
N ALA A 359 5.10 -9.59 16.41
CA ALA A 359 3.90 -9.65 15.58
C ALA A 359 3.75 -10.99 14.89
N VAL A 360 4.84 -11.54 14.35
CA VAL A 360 4.71 -12.82 13.65
C VAL A 360 4.27 -13.93 14.60
N GLU A 361 4.78 -13.93 15.84
CA GLU A 361 4.37 -14.97 16.78
C GLU A 361 2.92 -14.78 17.25
N ILE A 362 2.45 -13.54 17.33
CA ILE A 362 1.03 -13.31 17.65
C ILE A 362 0.14 -13.88 16.57
N ASN A 363 0.54 -13.72 15.31
CA ASN A 363 -0.23 -14.27 14.20
C ASN A 363 -0.18 -15.79 14.20
N VAL A 364 0.97 -16.37 14.58
CA VAL A 364 1.02 -17.84 14.74
C VAL A 364 0.03 -18.27 15.81
N ALA A 365 0.03 -17.57 16.95
CA ALA A 365 -0.88 -17.94 18.03
C ALA A 365 -2.34 -17.85 17.60
N VAL A 366 -2.69 -16.86 16.78
CA VAL A 366 -4.08 -16.73 16.33
C VAL A 366 -4.45 -17.95 15.48
N LEU A 367 -3.64 -18.23 14.46
CA LEU A 367 -3.93 -19.36 13.57
C LEU A 367 -4.05 -20.64 14.35
N HIS A 368 -3.09 -20.91 15.22
CA HIS A 368 -3.10 -22.14 16.00
C HIS A 368 -4.33 -22.22 16.92
N SER A 369 -4.72 -21.10 17.51
CA SER A 369 -5.80 -21.16 18.49
C SER A 369 -7.16 -21.36 17.83
N TYR A 370 -7.35 -20.75 16.66
CA TYR A 370 -8.58 -20.95 15.90
C TYR A 370 -8.61 -22.36 15.31
N GLN A 371 -7.46 -22.87 14.87
CA GLN A 371 -7.43 -24.23 14.35
C GLN A 371 -7.69 -25.24 15.46
N LEU A 372 -7.04 -25.06 16.61
CA LEU A 372 -7.26 -25.96 17.73
C LEU A 372 -8.73 -25.93 18.18
N ALA A 373 -9.34 -24.74 18.19
CA ALA A 373 -10.73 -24.62 18.61
C ALA A 373 -11.72 -25.00 17.51
N LYS A 374 -11.23 -25.39 16.33
CA LYS A 374 -12.08 -25.75 15.19
C LYS A 374 -12.99 -24.59 14.79
N VAL A 375 -12.42 -23.39 14.70
CA VAL A 375 -13.12 -22.23 14.18
C VAL A 375 -12.45 -21.87 12.86
N THR A 376 -13.27 -21.55 11.86
CA THR A 376 -12.72 -21.26 10.53
C THR A 376 -11.86 -20.00 10.58
N ILE A 377 -10.69 -20.07 9.96
CA ILE A 377 -9.81 -18.92 9.82
C ILE A 377 -8.96 -19.20 8.59
N VAL A 378 -8.42 -18.14 7.99
CA VAL A 378 -7.53 -18.27 6.85
C VAL A 378 -6.32 -17.38 7.10
N ASP A 379 -5.13 -17.88 6.78
CA ASP A 379 -3.92 -17.08 6.91
C ASP A 379 -3.72 -16.23 5.64
N HIS A 380 -2.92 -15.17 5.77
CA HIS A 380 -2.86 -14.19 4.68
C HIS A 380 -2.24 -14.78 3.41
N HIS A 381 -1.42 -15.84 3.54
CA HIS A 381 -0.86 -16.45 2.33
C HIS A 381 -1.92 -17.19 1.54
N ALA A 382 -2.76 -17.96 2.22
CA ALA A 382 -3.80 -18.67 1.49
C ALA A 382 -4.85 -17.70 0.94
N ALA A 383 -5.19 -16.66 1.68
CA ALA A 383 -6.21 -15.73 1.22
C ALA A 383 -5.75 -14.97 -0.03
N THR A 384 -4.49 -14.52 -0.04
CA THR A 384 -3.99 -13.83 -1.22
C THR A 384 -3.81 -14.77 -2.40
N ALA A 385 -3.47 -16.05 -2.16
CA ALA A 385 -3.45 -17.01 -3.26
C ALA A 385 -4.84 -17.17 -3.86
N SER A 386 -5.87 -17.22 -3.03
CA SER A 386 -7.23 -17.36 -3.54
CA SER A 386 -7.22 -17.36 -3.55
C SER A 386 -7.68 -16.09 -4.25
N PHE A 387 -7.25 -14.93 -3.77
CA PHE A 387 -7.61 -13.71 -4.47
C PHE A 387 -6.95 -13.63 -5.84
N MET A 388 -5.74 -14.18 -5.98
CA MET A 388 -5.12 -14.26 -7.30
C MET A 388 -5.95 -15.10 -8.24
N LYS A 389 -6.42 -16.26 -7.77
CA LYS A 389 -7.31 -17.06 -8.60
C LYS A 389 -8.61 -16.32 -8.89
N HIS A 390 -9.16 -15.64 -7.89
CA HIS A 390 -10.33 -14.79 -8.10
C HIS A 390 -10.10 -13.78 -9.23
N LEU A 391 -8.93 -13.14 -9.26
CA LEU A 391 -8.65 -12.17 -10.31
C LEU A 391 -8.67 -12.83 -11.68
N GLU A 392 -8.16 -14.06 -11.77
CA GLU A 392 -8.18 -14.75 -13.07
C GLU A 392 -9.61 -15.16 -13.43
N ASN A 393 -10.41 -15.60 -12.45
CA ASN A 393 -11.82 -15.90 -12.70
C ASN A 393 -12.55 -14.67 -13.23
N GLU A 394 -12.40 -13.53 -12.54
CA GLU A 394 -13.16 -12.33 -12.86
C GLU A 394 -12.75 -11.72 -14.19
N GLN A 395 -11.53 -11.99 -14.65
CA GLN A 395 -11.10 -11.51 -15.94
C GLN A 395 -11.92 -12.14 -17.06
N LYS A 396 -12.16 -13.46 -16.97
CA LYS A 396 -12.95 -14.12 -18.00
C LYS A 396 -14.42 -13.74 -17.90
N ALA A 397 -14.94 -13.63 -16.68
CA ALA A 397 -16.38 -13.47 -16.50
C ALA A 397 -16.84 -12.06 -16.79
N ARG A 398 -16.11 -11.05 -16.30
CA ARG A 398 -16.53 -9.67 -16.34
C ARG A 398 -15.56 -8.73 -17.03
N GLY A 399 -14.37 -9.20 -17.41
CA GLY A 399 -13.39 -8.33 -18.05
C GLY A 399 -12.58 -7.49 -17.09
N GLY A 400 -12.49 -7.89 -15.84
CA GLY A 400 -11.74 -7.14 -14.87
C GLY A 400 -12.22 -7.43 -13.47
N CYS A 401 -11.69 -6.66 -12.53
CA CYS A 401 -12.05 -6.80 -11.12
C CYS A 401 -11.54 -5.58 -10.38
N PRO A 402 -12.43 -4.76 -9.80
CA PRO A 402 -11.98 -3.58 -9.07
C PRO A 402 -11.29 -4.01 -7.78
N ALA A 403 -10.08 -3.51 -7.57
CA ALA A 403 -9.34 -3.94 -6.39
C ALA A 403 -8.49 -2.77 -5.90
N ASP A 404 -8.46 -2.62 -4.58
CA ASP A 404 -7.81 -1.51 -3.90
C ASP A 404 -6.52 -2.08 -3.33
N TRP A 405 -5.41 -1.84 -4.04
CA TRP A 405 -4.13 -2.48 -3.72
C TRP A 405 -3.77 -2.33 -2.24
N ALA A 406 -3.93 -1.12 -1.69
CA ALA A 406 -3.48 -0.89 -0.31
C ALA A 406 -4.26 -1.70 0.72
N TRP A 407 -5.46 -2.19 0.39
CA TRP A 407 -6.24 -3.01 1.31
C TRP A 407 -6.14 -4.50 1.00
N ILE A 408 -5.76 -4.88 -0.22
CA ILE A 408 -5.65 -6.29 -0.57
C ILE A 408 -4.35 -6.86 -0.05
N VAL A 409 -3.27 -6.10 -0.13
CA VAL A 409 -1.96 -6.52 0.40
C VAL A 409 -2.03 -6.63 1.91
N PRO A 410 -1.68 -7.77 2.50
CA PRO A 410 -1.81 -7.96 3.97
C PRO A 410 -0.91 -7.02 4.75
N PRO A 411 -1.27 -6.71 5.99
CA PRO A 411 -0.49 -5.73 6.78
C PRO A 411 0.84 -6.24 7.33
N ILE A 412 1.13 -7.53 7.22
CA ILE A 412 2.48 -8.02 7.47
C ILE A 412 2.90 -8.81 6.24
N SER A 413 4.21 -8.86 6.01
CA SER A 413 4.77 -9.72 4.99
C SER A 413 4.13 -9.44 3.62
N GLY A 414 3.84 -8.17 3.34
CA GLY A 414 3.16 -7.82 2.10
C GLY A 414 3.81 -8.42 0.88
N SER A 415 5.11 -8.20 0.71
CA SER A 415 5.75 -8.59 -0.54
C SER A 415 6.05 -10.07 -0.61
N LEU A 416 5.79 -10.83 0.46
CA LEU A 416 5.83 -12.28 0.39
C LEU A 416 4.55 -12.89 -0.16
N THR A 417 3.50 -12.08 -0.37
CA THR A 417 2.26 -12.58 -0.93
C THR A 417 2.14 -12.22 -2.41
N PRO A 418 1.40 -13.04 -3.18
CA PRO A 418 1.37 -12.84 -4.63
C PRO A 418 0.67 -11.56 -5.09
N VAL A 419 -0.15 -10.93 -4.24
CA VAL A 419 -0.89 -9.73 -4.64
C VAL A 419 0.01 -8.51 -4.69
N PHE A 420 1.13 -8.54 -3.97
CA PHE A 420 2.00 -7.38 -3.90
C PHE A 420 2.50 -6.96 -5.28
N HIS A 421 2.91 -7.92 -6.10
CA HIS A 421 3.49 -7.63 -7.41
C HIS A 421 2.44 -7.57 -8.51
N GLN A 422 1.17 -7.40 -8.14
CA GLN A 422 0.05 -7.39 -9.07
C GLN A 422 -0.53 -5.98 -9.10
N GLU A 423 -0.43 -5.32 -10.24
CA GLU A 423 -1.11 -4.05 -10.42
C GLU A 423 -2.62 -4.28 -10.39
N MET A 424 -3.35 -3.29 -9.89
CA MET A 424 -4.79 -3.39 -9.73
C MET A 424 -5.42 -2.07 -10.12
N VAL A 425 -6.71 -2.12 -10.45
CA VAL A 425 -7.48 -0.94 -10.81
C VAL A 425 -8.62 -0.80 -9.81
N ASN A 426 -8.74 0.37 -9.21
CA ASN A 426 -9.81 0.62 -8.25
C ASN A 426 -10.91 1.46 -8.90
N TYR A 427 -12.16 1.00 -8.78
CA TYR A 427 -13.31 1.71 -9.31
C TYR A 427 -14.57 1.15 -8.64
N PHE A 428 -15.66 1.92 -8.73
CA PHE A 428 -16.88 1.65 -7.98
C PHE A 428 -17.95 1.12 -8.91
N LEU A 429 -18.35 -0.12 -8.70
CA LEU A 429 -19.48 -0.74 -9.35
C LEU A 429 -20.65 -0.83 -8.37
N SER A 430 -21.86 -0.88 -8.92
CA SER A 430 -23.08 -1.08 -8.16
C SER A 430 -23.71 -2.40 -8.60
N PRO A 431 -24.41 -3.12 -7.71
CA PRO A 431 -24.69 -2.98 -6.27
C PRO A 431 -23.43 -2.89 -5.43
N ALA A 432 -23.53 -2.30 -4.24
CA ALA A 432 -22.33 -2.00 -3.48
C ALA A 432 -22.62 -1.88 -1.99
N PHE A 433 -21.61 -2.15 -1.18
CA PHE A 433 -21.61 -1.73 0.21
C PHE A 433 -20.92 -0.38 0.30
N ARG A 434 -21.53 0.56 1.02
CA ARG A 434 -21.01 1.91 1.15
C ARG A 434 -20.99 2.30 2.62
N TYR A 435 -20.12 3.25 2.97
CA TYR A 435 -20.16 3.78 4.32
C TYR A 435 -21.34 4.75 4.47
N GLN A 436 -21.68 5.03 5.71
CA GLN A 436 -22.78 5.93 6.03
C GLN A 436 -22.50 6.59 7.37
N PRO A 437 -23.08 7.76 7.63
CA PRO A 437 -22.79 8.47 8.89
C PRO A 437 -23.30 7.71 10.09
N ASP A 438 -22.65 7.94 11.23
CA ASP A 438 -23.12 7.40 12.49
C ASP A 438 -24.52 7.92 12.80
N PRO A 439 -25.39 7.08 13.37
CA PRO A 439 -26.78 7.50 13.62
C PRO A 439 -26.96 8.51 14.74
N TRP A 440 -25.88 9.00 15.34
CA TRP A 440 -25.99 9.99 16.42
C TRP A 440 -25.32 11.31 16.03
N LYS B 27 -11.06 23.55 -0.71
CA LYS B 27 -11.09 23.05 -2.07
C LYS B 27 -9.91 22.11 -2.28
N PHE B 28 -9.20 21.83 -1.19
CA PHE B 28 -7.98 21.03 -1.19
C PHE B 28 -8.21 19.69 -0.51
N PRO B 29 -7.40 18.68 -0.84
CA PRO B 29 -7.57 17.36 -0.23
C PRO B 29 -7.39 17.39 1.28
N ARG B 30 -8.33 16.78 2.00
CA ARG B 30 -8.19 16.55 3.42
C ARG B 30 -7.42 15.25 3.65
N VAL B 31 -6.42 15.29 4.54
CA VAL B 31 -5.52 14.17 4.75
C VAL B 31 -5.52 13.82 6.24
N LYS B 32 -5.89 12.59 6.57
CA LYS B 32 -6.03 12.17 7.96
C LYS B 32 -4.96 11.15 8.33
N ASN B 33 -4.45 11.26 9.55
CA ASN B 33 -3.67 10.18 10.16
C ASN B 33 -4.60 9.40 11.06
N TRP B 34 -4.69 8.09 10.83
CA TRP B 34 -5.68 7.27 11.50
C TRP B 34 -5.19 6.68 12.81
N GLU B 35 -3.89 6.74 13.07
CA GLU B 35 -3.36 6.37 14.37
C GLU B 35 -3.59 7.48 15.41
N VAL B 36 -3.70 8.74 14.99
CA VAL B 36 -3.77 9.86 15.91
C VAL B 36 -5.06 10.63 15.73
N GLY B 37 -5.62 10.60 14.52
CA GLY B 37 -6.81 11.37 14.22
C GLY B 37 -6.56 12.73 13.64
N SER B 38 -5.29 13.13 13.51
CA SER B 38 -4.96 14.45 12.98
C SER B 38 -5.39 14.58 11.53
N ILE B 39 -5.59 15.84 11.10
CA ILE B 39 -6.09 16.16 9.77
C ILE B 39 -5.31 17.37 9.25
N THR B 40 -4.82 17.27 8.00
CA THR B 40 -4.20 18.39 7.31
C THR B 40 -4.75 18.49 5.89
N TYR B 41 -4.48 19.64 5.24
CA TYR B 41 -4.94 19.91 3.89
C TYR B 41 -3.74 20.18 3.00
N ASP B 42 -3.61 19.41 1.91
CA ASP B 42 -2.45 19.49 1.02
C ASP B 42 -2.71 20.57 -0.01
N THR B 43 -2.21 21.79 0.24
CA THR B 43 -2.32 22.87 -0.73
C THR B 43 -1.26 22.78 -1.82
N LEU B 44 -0.18 22.03 -1.59
CA LEU B 44 0.88 21.95 -2.58
C LEU B 44 0.42 21.25 -3.86
N SER B 45 -0.55 20.34 -3.77
CA SER B 45 -0.98 19.56 -4.93
C SER B 45 -1.60 20.43 -6.02
N ALA B 46 -1.93 21.69 -5.72
CA ALA B 46 -2.44 22.58 -6.75
C ALA B 46 -1.37 22.93 -7.78
N GLN B 47 -0.11 23.04 -7.33
CA GLN B 47 1.08 23.27 -8.16
C GLN B 47 1.47 22.06 -9.01
N ALA B 48 0.64 21.02 -9.11
CA ALA B 48 1.01 19.79 -9.79
C ALA B 48 1.25 20.07 -11.27
N GLN B 49 2.51 19.97 -11.69
CA GLN B 49 2.95 20.40 -13.01
C GLN B 49 2.80 19.32 -14.08
N GLN B 50 2.17 18.19 -13.76
CA GLN B 50 2.03 17.11 -14.72
C GLN B 50 0.83 16.26 -14.33
N ASP B 51 0.28 15.57 -15.34
CA ASP B 51 -0.90 14.73 -15.15
C ASP B 51 -0.49 13.30 -14.82
N GLY B 52 -1.15 12.72 -13.83
CA GLY B 52 -0.95 11.34 -13.47
C GLY B 52 -1.94 10.46 -14.21
N PRO B 53 -2.00 9.17 -13.86
CA PRO B 53 -2.80 8.23 -14.65
C PRO B 53 -4.23 8.00 -14.16
N CYS B 54 -4.63 8.57 -13.02
CA CYS B 54 -5.95 8.32 -12.45
C CYS B 54 -6.99 9.28 -13.00
N THR B 55 -8.24 8.84 -13.07
CA THR B 55 -9.36 9.70 -13.40
C THR B 55 -10.43 9.52 -12.34
N PRO B 56 -11.41 10.42 -12.25
CA PRO B 56 -12.52 10.20 -11.31
C PRO B 56 -13.25 8.88 -11.51
N ARG B 57 -13.07 8.20 -12.65
CA ARG B 57 -13.74 6.93 -12.85
C ARG B 57 -12.89 5.72 -12.53
N ARG B 58 -11.58 5.86 -12.41
CA ARG B 58 -10.79 4.72 -11.92
C ARG B 58 -9.40 5.19 -11.47
N CYS B 59 -8.91 4.60 -10.38
CA CYS B 59 -7.61 4.95 -9.84
C CYS B 59 -6.58 3.96 -10.34
N LEU B 60 -5.47 4.48 -10.90
CA LEU B 60 -4.37 3.69 -11.43
C LEU B 60 -3.11 3.87 -10.59
N GLY B 61 -3.29 4.29 -9.33
CA GLY B 61 -2.16 4.58 -8.48
C GLY B 61 -1.23 3.41 -8.23
N SER B 62 -1.67 2.17 -8.46
CA SER B 62 -0.84 0.99 -8.25
C SER B 62 0.10 0.69 -9.40
N LEU B 63 -0.07 1.33 -10.56
CA LEU B 63 0.78 1.06 -11.72
C LEU B 63 2.23 1.39 -11.43
N VAL B 64 3.13 0.53 -11.87
CA VAL B 64 4.55 0.78 -11.66
C VAL B 64 5.06 1.87 -12.62
N PHE B 65 4.75 1.74 -13.91
CA PHE B 65 5.14 2.73 -14.91
C PHE B 65 3.86 3.32 -15.52
N PRO B 66 3.35 4.44 -15.01
CA PRO B 66 2.15 5.08 -15.56
C PRO B 66 2.43 6.06 -16.71
N ALA B 79 9.70 23.24 -28.48
CA ALA B 79 10.03 23.66 -27.11
C ALA B 79 9.65 25.11 -26.77
N PRO B 80 10.14 26.13 -27.58
CA PRO B 80 10.05 27.55 -27.19
C PRO B 80 9.22 27.93 -25.96
N GLU B 81 7.92 28.16 -26.13
CA GLU B 81 7.10 28.63 -25.00
C GLU B 81 6.69 27.51 -24.05
N GLN B 82 7.25 26.32 -24.18
CA GLN B 82 7.09 25.26 -23.21
C GLN B 82 8.32 25.09 -22.32
N LEU B 83 9.51 25.03 -22.93
CA LEU B 83 10.75 25.13 -22.16
C LEU B 83 10.72 26.38 -21.29
N LEU B 84 10.14 27.46 -21.80
CA LEU B 84 10.14 28.74 -21.10
C LEU B 84 9.28 28.71 -19.85
N SER B 85 8.08 28.11 -19.94
CA SER B 85 7.15 28.11 -18.81
C SER B 85 7.74 27.37 -17.62
N GLN B 86 8.49 26.29 -17.88
CA GLN B 86 9.10 25.56 -16.78
C GLN B 86 10.24 26.34 -16.14
N ALA B 87 10.97 27.12 -16.95
CA ALA B 87 12.11 27.86 -16.42
C ALA B 87 11.67 28.94 -15.44
N ARG B 88 10.70 29.76 -15.83
CA ARG B 88 10.20 30.80 -14.94
C ARG B 88 9.73 30.23 -13.61
N ASP B 89 8.96 29.13 -13.65
CA ASP B 89 8.50 28.52 -12.41
C ASP B 89 9.66 28.06 -11.53
N PHE B 90 10.70 27.48 -12.15
CA PHE B 90 11.87 27.04 -11.39
C PHE B 90 12.59 28.23 -10.75
N ILE B 91 12.73 29.34 -11.49
CA ILE B 91 13.39 30.53 -10.97
C ILE B 91 12.59 31.11 -9.80
N ASN B 92 11.26 31.15 -9.93
CA ASN B 92 10.43 31.56 -8.79
C ASN B 92 10.72 30.70 -7.56
N GLN B 93 10.84 29.39 -7.74
CA GLN B 93 11.12 28.51 -6.60
C GLN B 93 12.46 28.84 -5.98
N TYR B 94 13.50 28.92 -6.81
CA TYR B 94 14.83 29.24 -6.31
C TYR B 94 14.83 30.53 -5.49
N TYR B 95 14.28 31.61 -6.04
CA TYR B 95 14.33 32.88 -5.30
C TYR B 95 13.46 32.83 -4.03
N SER B 96 12.42 32.01 -3.99
CA SER B 96 11.69 31.84 -2.74
CA SER B 96 11.69 31.84 -2.73
C SER B 96 12.55 31.15 -1.68
N SER B 97 13.35 30.16 -2.10
CA SER B 97 14.17 29.40 -1.16
C SER B 97 15.22 30.28 -0.48
N ILE B 98 15.76 31.27 -1.17
CA ILE B 98 16.74 32.16 -0.57
C ILE B 98 16.09 33.42 0.00
N LYS B 99 14.76 33.39 0.20
CA LYS B 99 14.02 34.46 0.89
C LYS B 99 14.17 35.80 0.20
N ARG B 100 14.21 35.78 -1.14
CA ARG B 100 14.36 36.98 -1.95
C ARG B 100 13.31 37.02 -3.05
N SER B 101 12.11 36.51 -2.75
CA SER B 101 11.03 36.53 -3.73
CA SER B 101 11.03 36.54 -3.72
C SER B 101 10.64 37.96 -4.08
N GLY B 102 10.61 38.26 -5.37
CA GLY B 102 10.21 39.57 -5.86
C GLY B 102 11.30 40.61 -5.91
N SER B 103 12.49 40.33 -5.38
CA SER B 103 13.57 41.32 -5.37
C SER B 103 14.02 41.65 -6.79
N GLN B 104 14.86 42.68 -6.90
CA GLN B 104 15.33 43.08 -8.22
C GLN B 104 16.09 41.96 -8.92
N ALA B 105 16.91 41.21 -8.16
CA ALA B 105 17.67 40.12 -8.75
C ALA B 105 16.76 39.00 -9.26
N HIS B 106 15.67 38.75 -8.54
CA HIS B 106 14.67 37.81 -9.04
C HIS B 106 14.13 38.28 -10.39
N GLU B 107 13.65 39.53 -10.43
CA GLU B 107 13.10 40.07 -11.67
C GLU B 107 14.13 39.99 -12.80
N GLN B 108 15.41 40.20 -12.48
CA GLN B 108 16.43 40.25 -13.52
C GLN B 108 16.73 38.85 -14.08
N ARG B 109 16.85 37.85 -13.20
CA ARG B 109 17.17 36.51 -13.67
C ARG B 109 16.07 35.96 -14.57
N LEU B 110 14.80 36.22 -14.22
CA LEU B 110 13.70 35.83 -15.10
C LEU B 110 13.89 36.40 -16.50
N GLN B 111 14.08 37.72 -16.60
CA GLN B 111 14.34 38.35 -17.89
C GLN B 111 15.62 37.79 -18.51
N GLU B 112 16.65 37.55 -17.70
CA GLU B 112 17.91 37.07 -18.25
C GLU B 112 17.74 35.69 -18.88
N VAL B 113 17.06 34.76 -18.18
CA VAL B 113 16.80 33.45 -18.75
C VAL B 113 15.93 33.57 -19.99
N GLU B 114 14.88 34.40 -19.93
CA GLU B 114 13.97 34.59 -21.05
C GLU B 114 14.71 34.97 -22.32
N ALA B 115 15.79 35.76 -22.19
CA ALA B 115 16.53 36.20 -23.37
C ALA B 115 17.55 35.15 -23.82
N GLU B 116 18.13 34.38 -22.90
CA GLU B 116 19.05 33.33 -23.30
C GLU B 116 18.31 32.21 -24.04
N VAL B 117 17.06 31.94 -23.68
CA VAL B 117 16.22 31.02 -24.45
C VAL B 117 16.06 31.52 -25.89
N ALA B 118 15.68 32.79 -26.05
CA ALA B 118 15.40 33.31 -27.39
C ALA B 118 16.65 33.28 -28.27
N ALA B 119 17.80 33.63 -27.71
CA ALA B 119 19.02 33.68 -28.51
C ALA B 119 19.57 32.28 -28.81
N THR B 120 19.27 31.29 -27.96
CA THR B 120 19.92 30.00 -28.10
C THR B 120 18.97 28.80 -28.13
N GLY B 121 17.70 28.99 -27.78
CA GLY B 121 16.85 27.86 -27.51
C GLY B 121 16.92 27.46 -26.04
N THR B 122 18.04 26.87 -25.63
CA THR B 122 18.18 26.37 -24.26
C THR B 122 18.70 27.50 -23.36
N TYR B 123 19.17 27.14 -22.16
CA TYR B 123 19.73 28.11 -21.21
C TYR B 123 20.57 27.33 -20.21
N GLN B 124 21.38 28.05 -19.44
CA GLN B 124 22.31 27.45 -18.49
C GLN B 124 21.92 27.80 -17.06
N LEU B 125 21.91 26.78 -16.19
CA LEU B 125 21.72 27.00 -14.78
C LEU B 125 22.99 27.57 -14.15
N ARG B 126 22.81 28.50 -13.22
CA ARG B 126 23.90 28.84 -12.31
C ARG B 126 24.11 27.70 -11.33
N GLU B 127 25.35 27.51 -10.90
CA GLU B 127 25.62 26.35 -10.08
C GLU B 127 24.81 26.34 -8.79
N SER B 128 24.55 27.50 -8.20
CA SER B 128 23.69 27.56 -7.03
CA SER B 128 23.70 27.53 -7.02
C SER B 128 22.29 27.05 -7.35
N GLU B 129 21.79 27.35 -8.55
CA GLU B 129 20.50 26.84 -8.98
C GLU B 129 20.55 25.35 -9.27
N LEU B 130 21.70 24.86 -9.76
CA LEU B 130 21.83 23.42 -10.01
C LEU B 130 21.79 22.63 -8.70
N VAL B 131 22.50 23.13 -7.70
CA VAL B 131 22.48 22.54 -6.36
C VAL B 131 21.06 22.51 -5.83
N PHE B 132 20.40 23.67 -5.82
CA PHE B 132 19.03 23.74 -5.32
C PHE B 132 18.12 22.79 -6.08
N GLY B 133 18.28 22.71 -7.41
CA GLY B 133 17.40 21.89 -8.22
C GLY B 133 17.58 20.40 -8.01
N ALA B 134 18.81 19.97 -7.73
CA ALA B 134 19.03 18.56 -7.45
C ALA B 134 18.40 18.17 -6.11
N LYS B 135 18.56 19.01 -5.10
CA LYS B 135 17.90 18.80 -3.82
C LYS B 135 16.39 18.76 -3.99
N GLN B 136 15.86 19.63 -4.86
CA GLN B 136 14.42 19.68 -5.06
C GLN B 136 13.90 18.42 -5.71
N ALA B 137 14.61 17.90 -6.72
CA ALA B 137 14.19 16.65 -7.34
C ALA B 137 14.07 15.53 -6.31
N TRP B 138 15.02 15.46 -5.37
CA TRP B 138 14.94 14.48 -4.29
C TRP B 138 13.73 14.76 -3.40
N ARG B 139 13.62 16.00 -2.91
CA ARG B 139 12.49 16.39 -2.07
C ARG B 139 11.15 16.08 -2.72
N ASN B 140 11.08 16.17 -4.05
CA ASN B 140 9.83 15.94 -4.78
C ASN B 140 9.55 14.47 -5.08
N ALA B 141 10.46 13.54 -4.77
CA ALA B 141 10.30 12.21 -5.32
C ALA B 141 9.31 11.40 -4.48
N PRO B 142 8.13 11.10 -5.02
CA PRO B 142 7.05 10.54 -4.17
C PRO B 142 7.30 9.14 -3.64
N ARG B 143 8.15 8.34 -4.27
CA ARG B 143 8.37 6.96 -3.84
C ARG B 143 9.54 6.80 -2.89
N CYS B 144 10.17 7.89 -2.46
CA CYS B 144 11.35 7.81 -1.60
C CYS B 144 10.97 8.06 -0.14
N VAL B 145 11.24 7.06 0.72
CA VAL B 145 11.00 7.25 2.15
C VAL B 145 12.14 7.96 2.85
N GLY B 146 13.26 8.14 2.16
CA GLY B 146 14.44 8.73 2.79
C GLY B 146 14.54 10.24 2.75
N ARG B 147 13.43 10.93 2.51
CA ARG B 147 13.50 12.35 2.15
C ARG B 147 13.74 13.30 3.32
N ILE B 148 13.72 12.83 4.56
CA ILE B 148 14.09 13.68 5.69
C ILE B 148 15.45 14.33 5.42
N GLN B 149 16.32 13.65 4.70
CA GLN B 149 17.70 14.05 4.48
C GLN B 149 17.87 14.99 3.28
N TRP B 150 16.78 15.38 2.59
CA TRP B 150 16.90 15.93 1.24
C TRP B 150 17.79 17.16 1.20
N GLY B 151 17.73 18.00 2.22
CA GLY B 151 18.53 19.20 2.24
C GLY B 151 20.03 18.99 2.46
N LYS B 152 20.47 17.77 2.73
CA LYS B 152 21.90 17.54 2.95
C LYS B 152 22.44 16.59 1.90
N LEU B 153 22.25 16.94 0.65
CA LEU B 153 22.77 16.20 -0.48
C LEU B 153 24.03 16.91 -0.95
N GLN B 154 25.07 16.15 -1.25
CA GLN B 154 26.28 16.72 -1.86
C GLN B 154 26.11 16.65 -3.38
N VAL B 155 26.22 17.80 -4.04
CA VAL B 155 25.98 17.91 -5.49
C VAL B 155 27.32 18.17 -6.17
N PHE B 156 27.80 17.20 -6.95
CA PHE B 156 29.03 17.36 -7.72
C PHE B 156 28.70 17.85 -9.13
N ASP B 157 29.39 18.89 -9.58
CA ASP B 157 29.12 19.53 -10.87
C ASP B 157 30.09 18.95 -11.89
N ALA B 158 29.62 18.00 -12.69
CA ALA B 158 30.40 17.41 -13.76
C ALA B 158 29.96 17.91 -15.13
N ARG B 159 29.41 19.14 -15.20
CA ARG B 159 28.86 19.61 -16.46
C ARG B 159 29.93 19.95 -17.48
N ASP B 160 31.17 20.12 -17.06
CA ASP B 160 32.27 20.35 -17.99
C ASP B 160 32.91 19.06 -18.48
N CYS B 161 32.32 17.91 -18.17
CA CYS B 161 32.88 16.62 -18.57
C CYS B 161 32.88 16.48 -20.09
N ARG B 162 33.98 15.94 -20.65
CA ARG B 162 34.10 15.82 -22.10
C ARG B 162 34.19 14.41 -22.65
N SER B 163 34.73 13.43 -21.90
CA SER B 163 34.94 12.09 -22.43
C SER B 163 34.36 11.04 -21.47
N ALA B 164 34.41 9.78 -21.92
CA ALA B 164 34.04 8.67 -21.06
C ALA B 164 35.06 8.45 -19.96
N GLN B 165 36.35 8.53 -20.31
CA GLN B 165 37.41 8.42 -19.31
C GLN B 165 37.21 9.43 -18.18
N GLU B 166 36.94 10.69 -18.53
CA GLU B 166 36.61 11.70 -17.53
C GLU B 166 35.36 11.31 -16.76
N MET B 167 34.36 10.76 -17.44
CA MET B 167 33.15 10.31 -16.76
C MET B 167 33.50 9.31 -15.67
N PHE B 168 34.35 8.33 -16.00
CA PHE B 168 34.73 7.32 -15.03
C PHE B 168 35.40 7.94 -13.81
N THR B 169 36.28 8.94 -14.02
CA THR B 169 36.92 9.59 -12.89
C THR B 169 35.91 10.25 -11.96
N TYR B 170 34.96 10.99 -12.55
CA TYR B 170 33.89 11.60 -11.75
C TYR B 170 33.09 10.54 -10.99
N ILE B 171 32.80 9.41 -11.62
CA ILE B 171 32.02 8.38 -10.94
C ILE B 171 32.81 7.81 -9.77
N CYS B 172 34.10 7.54 -9.99
CA CYS B 172 34.94 7.02 -8.91
C CYS B 172 35.00 8.00 -7.75
N ASN B 173 35.13 9.29 -8.05
CA ASN B 173 35.09 10.30 -7.00
C ASN B 173 33.76 10.28 -6.25
N HIS B 174 32.66 10.12 -6.99
CA HIS B 174 31.35 10.00 -6.35
C HIS B 174 31.33 8.80 -5.42
N ILE B 175 31.75 7.62 -5.93
CA ILE B 175 31.71 6.41 -5.11
C ILE B 175 32.57 6.59 -3.86
N LYS B 176 33.77 7.14 -4.03
CA LYS B 176 34.67 7.36 -2.90
C LYS B 176 34.05 8.26 -1.85
N TYR B 177 33.55 9.43 -2.28
CA TYR B 177 32.93 10.37 -1.34
C TYR B 177 31.71 9.76 -0.65
N ALA B 178 30.83 9.15 -1.42
CA ALA B 178 29.57 8.68 -0.86
C ALA B 178 29.77 7.51 0.08
N THR B 179 30.72 6.64 -0.24
CA THR B 179 31.01 5.47 0.59
C THR B 179 31.67 5.89 1.90
N ASN B 180 32.72 6.72 1.81
CA ASN B 180 33.33 7.32 2.99
C ASN B 180 33.65 6.25 4.04
N ARG B 181 34.21 5.13 3.57
CA ARG B 181 34.64 4.01 4.41
C ARG B 181 33.52 3.44 5.28
N GLY B 182 32.26 3.60 4.88
CA GLY B 182 31.15 3.05 5.59
C GLY B 182 30.24 4.08 6.22
N ASN B 183 30.73 5.29 6.45
CA ASN B 183 29.91 6.38 7.00
C ASN B 183 29.28 7.12 5.82
N LEU B 184 28.25 6.51 5.24
CA LEU B 184 27.77 6.91 3.92
C LEU B 184 27.17 8.31 3.93
N ARG B 185 27.32 9.01 2.80
CA ARG B 185 26.84 10.36 2.61
C ARG B 185 26.09 10.45 1.30
N SER B 186 24.94 11.12 1.33
CA SER B 186 24.15 11.30 0.11
C SER B 186 24.88 12.20 -0.86
N ALA B 187 24.86 11.83 -2.15
CA ALA B 187 25.50 12.64 -3.19
C ALA B 187 24.82 12.43 -4.52
N ILE B 188 25.02 13.40 -5.42
CA ILE B 188 24.66 13.31 -6.83
C ILE B 188 25.73 13.99 -7.67
N THR B 189 26.10 13.36 -8.79
CA THR B 189 26.99 13.93 -9.79
C THR B 189 26.20 14.19 -11.06
N VAL B 190 26.20 15.43 -11.55
CA VAL B 190 25.37 15.73 -12.71
C VAL B 190 26.26 16.04 -13.90
N PHE B 191 26.16 15.16 -14.89
CA PHE B 191 26.90 15.25 -16.13
C PHE B 191 26.19 16.25 -17.04
N PRO B 192 26.80 16.62 -18.18
CA PRO B 192 26.23 17.71 -18.99
C PRO B 192 24.81 17.44 -19.44
N GLN B 193 24.04 18.51 -19.57
CA GLN B 193 22.65 18.40 -19.98
C GLN B 193 22.54 17.99 -21.45
N ARG B 194 21.43 17.34 -21.77
CA ARG B 194 21.09 17.01 -23.14
C ARG B 194 21.06 18.28 -23.98
N CYS B 195 21.50 18.15 -25.23
N CYS B 195 21.54 18.17 -25.21
CA CYS B 195 21.69 19.32 -26.08
CA CYS B 195 21.53 19.37 -26.04
C CYS B 195 21.45 18.89 -27.51
C CYS B 195 21.51 18.97 -27.50
N PRO B 196 20.76 19.68 -28.33
CA PRO B 196 20.70 19.35 -29.76
C PRO B 196 22.05 19.54 -30.42
N GLY B 197 22.39 18.62 -31.32
CA GLY B 197 23.66 18.66 -32.02
C GLY B 197 24.77 17.86 -31.38
N ARG B 198 24.48 17.22 -30.24
CA ARG B 198 25.43 16.43 -29.50
C ARG B 198 24.68 15.25 -28.91
N GLY B 199 25.31 14.07 -28.92
CA GLY B 199 24.72 12.92 -28.25
C GLY B 199 24.59 13.13 -26.75
N ASP B 200 23.93 12.17 -26.12
CA ASP B 200 23.68 12.18 -24.67
C ASP B 200 24.82 11.50 -23.93
N PHE B 201 25.12 12.02 -22.75
CA PHE B 201 25.85 11.21 -21.78
C PHE B 201 24.90 10.20 -21.17
N ARG B 202 25.34 8.94 -21.06
CA ARG B 202 24.50 7.89 -20.46
C ARG B 202 25.37 6.92 -19.68
N ILE B 203 24.88 6.46 -18.53
CA ILE B 203 25.40 5.27 -17.87
C ILE B 203 24.48 4.12 -18.21
N TRP B 204 25.00 3.06 -18.82
CA TRP B 204 24.13 1.97 -19.25
C TRP B 204 23.61 1.17 -18.05
N ASN B 205 24.43 0.98 -17.02
CA ASN B 205 24.04 0.25 -15.82
C ASN B 205 22.91 0.98 -15.09
N SER B 206 22.02 0.17 -14.48
CA SER B 206 20.93 0.73 -13.69
C SER B 206 21.41 1.26 -12.34
N GLN B 207 22.49 0.70 -11.81
CA GLN B 207 23.13 1.22 -10.62
C GLN B 207 24.63 1.14 -10.81
N LEU B 208 25.39 1.93 -10.03
CA LEU B 208 26.85 1.87 -10.14
C LEU B 208 27.41 0.52 -9.67
N VAL B 209 26.85 -0.05 -8.60
CA VAL B 209 27.26 -1.36 -8.12
C VAL B 209 26.11 -2.32 -8.38
N ARG B 210 26.36 -3.34 -9.20
CA ARG B 210 25.40 -4.39 -9.51
C ARG B 210 26.15 -5.71 -9.54
N TYR B 211 25.47 -6.80 -9.17
CA TYR B 211 26.07 -8.12 -9.25
C TYR B 211 25.64 -8.81 -10.54
N ALA B 212 26.59 -9.51 -11.16
CA ALA B 212 26.33 -10.21 -12.41
C ALA B 212 25.31 -11.32 -12.19
N GLY B 213 24.62 -11.67 -13.27
CA GLY B 213 23.73 -12.82 -13.29
C GLY B 213 23.94 -13.67 -14.52
N TYR B 214 24.42 -14.90 -14.34
CA TYR B 214 24.72 -15.79 -15.45
C TYR B 214 23.66 -16.88 -15.54
N ARG B 215 23.07 -17.03 -16.73
CA ARG B 215 22.04 -18.04 -16.93
C ARG B 215 22.63 -19.44 -16.96
N GLN B 216 22.00 -20.38 -16.25
CA GLN B 216 22.51 -21.74 -16.16
C GLN B 216 21.68 -22.69 -17.02
N GLN B 217 22.24 -23.89 -17.24
CA GLN B 217 21.56 -24.93 -18.02
C GLN B 217 20.11 -25.11 -17.60
N ASP B 218 19.90 -25.34 -16.30
CA ASP B 218 18.58 -25.64 -15.76
C ASP B 218 17.71 -24.40 -15.58
N GLY B 219 17.87 -23.41 -16.45
CA GLY B 219 17.03 -22.22 -16.43
C GLY B 219 17.16 -21.37 -15.19
N SER B 220 18.11 -21.70 -14.32
CA SER B 220 18.37 -20.91 -13.13
C SER B 220 19.44 -19.87 -13.42
N VAL B 221 19.44 -18.80 -12.62
CA VAL B 221 20.41 -17.72 -12.75
C VAL B 221 21.41 -17.85 -11.61
N ARG B 222 22.67 -18.01 -11.95
CA ARG B 222 23.75 -17.88 -10.98
C ARG B 222 24.03 -16.41 -10.77
N GLY B 223 23.79 -15.92 -9.56
CA GLY B 223 23.96 -14.50 -9.30
C GLY B 223 22.63 -13.78 -9.29
N ASP B 224 22.61 -12.49 -9.62
CA ASP B 224 21.40 -11.69 -9.52
C ASP B 224 20.58 -11.82 -10.79
N PRO B 225 19.38 -12.40 -10.75
CA PRO B 225 18.60 -12.56 -12.00
C PRO B 225 18.14 -11.25 -12.59
N ALA B 226 18.01 -10.20 -11.80
CA ALA B 226 17.61 -8.91 -12.35
C ALA B 226 18.62 -8.31 -13.32
N ASN B 227 19.88 -8.78 -13.30
CA ASN B 227 20.96 -8.17 -14.06
C ASN B 227 21.45 -9.05 -15.20
N VAL B 228 20.65 -10.05 -15.60
CA VAL B 228 21.04 -10.95 -16.69
C VAL B 228 21.29 -10.18 -17.98
N GLU B 229 20.46 -9.17 -18.24
CA GLU B 229 20.52 -8.42 -19.50
C GLU B 229 21.78 -7.55 -19.55
N ILE B 230 21.95 -6.67 -18.56
CA ILE B 230 23.15 -5.84 -18.53
C ILE B 230 24.40 -6.70 -18.48
N THR B 231 24.32 -7.89 -17.88
CA THR B 231 25.46 -8.81 -17.91
C THR B 231 25.77 -9.25 -19.33
N GLU B 232 24.74 -9.53 -20.13
CA GLU B 232 24.95 -9.89 -21.54
C GLU B 232 25.72 -8.78 -22.25
N LEU B 233 25.29 -7.53 -22.04
CA LEU B 233 25.87 -6.39 -22.74
C LEU B 233 27.31 -6.17 -22.33
N CYS B 234 27.63 -6.32 -21.03
CA CYS B 234 29.01 -6.19 -20.61
C CYS B 234 29.89 -7.24 -21.27
N ILE B 235 29.40 -8.49 -21.37
CA ILE B 235 30.17 -9.55 -22.02
C ILE B 235 30.37 -9.24 -23.50
N GLN B 236 29.28 -8.88 -24.19
CA GLN B 236 29.38 -8.59 -25.62
C GLN B 236 30.27 -7.40 -25.91
N HIS B 237 30.53 -6.54 -24.92
CA HIS B 237 31.42 -5.39 -25.08
C HIS B 237 32.79 -5.63 -24.45
N GLY B 238 33.22 -6.89 -24.33
CA GLY B 238 34.59 -7.21 -24.02
C GLY B 238 34.86 -7.70 -22.61
N TRP B 239 33.87 -7.69 -21.72
CA TRP B 239 34.13 -8.07 -20.33
C TRP B 239 34.41 -9.56 -20.22
N THR B 240 35.48 -9.90 -19.50
CA THR B 240 35.76 -11.29 -19.14
C THR B 240 34.90 -11.66 -17.94
N PRO B 241 33.87 -12.48 -18.13
CA PRO B 241 32.94 -12.77 -17.03
C PRO B 241 33.56 -13.72 -16.01
N GLY B 242 33.09 -13.62 -14.79
CA GLY B 242 33.36 -14.59 -13.76
C GLY B 242 32.24 -15.62 -13.68
N ASN B 243 32.15 -16.27 -12.52
CA ASN B 243 31.10 -17.27 -12.35
C ASN B 243 30.61 -17.34 -10.91
N GLY B 244 30.86 -16.33 -10.10
CA GLY B 244 30.34 -16.27 -8.75
C GLY B 244 28.90 -15.79 -8.71
N ARG B 245 28.37 -15.77 -7.50
CA ARG B 245 27.04 -15.26 -7.25
C ARG B 245 27.04 -13.79 -6.91
N PHE B 246 28.22 -13.18 -6.76
CA PHE B 246 28.36 -11.80 -6.29
C PHE B 246 29.51 -11.10 -7.02
N ASP B 247 29.63 -11.32 -8.33
CA ASP B 247 30.66 -10.67 -9.14
C ASP B 247 30.24 -9.24 -9.47
N VAL B 248 31.06 -8.26 -9.11
CA VAL B 248 30.70 -6.88 -9.37
C VAL B 248 30.90 -6.57 -10.85
N LEU B 249 29.84 -6.04 -11.48
CA LEU B 249 29.81 -5.78 -12.92
C LEU B 249 30.66 -4.57 -13.29
N PRO B 250 31.21 -4.55 -14.50
CA PRO B 250 31.85 -3.33 -15.01
C PRO B 250 30.81 -2.27 -15.35
N LEU B 251 31.28 -1.03 -15.44
CA LEU B 251 30.43 0.07 -15.90
C LEU B 251 30.51 0.20 -17.41
N LEU B 252 29.36 0.38 -18.05
CA LEU B 252 29.30 0.74 -19.47
C LEU B 252 28.95 2.22 -19.55
N LEU B 253 29.93 3.03 -19.95
CA LEU B 253 29.79 4.48 -19.97
C LEU B 253 29.69 4.96 -21.41
N GLN B 254 28.77 5.88 -21.66
CA GLN B 254 28.53 6.41 -23.01
C GLN B 254 28.81 7.90 -23.06
N ALA B 255 29.96 8.31 -23.82
CA ALA B 255 30.13 9.72 -24.10
C ALA B 255 29.36 10.05 -25.38
N PRO B 256 28.99 11.32 -25.57
CA PRO B 256 28.14 11.70 -26.71
C PRO B 256 28.63 11.11 -28.03
N ASP B 257 27.72 10.41 -28.71
CA ASP B 257 27.91 9.90 -30.07
C ASP B 257 29.07 8.92 -30.16
N GLU B 258 29.39 8.28 -29.07
CA GLU B 258 30.37 7.21 -28.93
C GLU B 258 29.67 5.90 -28.61
N PRO B 259 30.24 4.76 -29.03
CA PRO B 259 29.81 3.50 -28.45
C PRO B 259 30.14 3.46 -26.97
N PRO B 260 29.39 2.69 -26.18
CA PRO B 260 29.67 2.64 -24.74
C PRO B 260 31.03 2.01 -24.48
N GLU B 261 31.69 2.48 -23.42
CA GLU B 261 33.01 2.02 -23.08
C GLU B 261 32.99 1.34 -21.72
N LEU B 262 33.78 0.27 -21.61
CA LEU B 262 33.80 -0.62 -20.47
C LEU B 262 34.85 -0.15 -19.47
N PHE B 263 34.48 -0.08 -18.20
CA PHE B 263 35.40 0.30 -17.13
C PHE B 263 35.20 -0.64 -15.94
N LEU B 264 36.27 -1.32 -15.52
CA LEU B 264 36.20 -2.16 -14.34
C LEU B 264 36.34 -1.30 -13.09
N LEU B 265 35.45 -1.50 -12.13
CA LEU B 265 35.57 -0.80 -10.85
C LEU B 265 36.72 -1.42 -10.05
N PRO B 266 37.67 -0.62 -9.58
CA PRO B 266 38.68 -1.15 -8.65
C PRO B 266 38.01 -1.72 -7.42
N PRO B 267 38.31 -2.98 -7.07
CA PRO B 267 37.63 -3.60 -5.93
C PRO B 267 37.82 -2.85 -4.61
N GLU B 268 38.90 -2.07 -4.44
CA GLU B 268 39.01 -1.29 -3.22
C GLU B 268 37.96 -0.19 -3.14
N LEU B 269 37.35 0.17 -4.28
CA LEU B 269 36.30 1.18 -4.30
C LEU B 269 34.94 0.63 -3.88
N VAL B 270 34.67 -0.65 -4.14
CA VAL B 270 33.34 -1.22 -3.91
C VAL B 270 33.33 -1.88 -2.54
N LEU B 271 32.77 -1.20 -1.56
CA LEU B 271 32.70 -1.74 -0.21
C LEU B 271 31.52 -2.72 -0.11
N GLU B 272 31.80 -3.95 0.34
CA GLU B 272 30.78 -4.99 0.47
C GLU B 272 30.66 -5.45 1.92
N VAL B 273 29.52 -6.06 2.27
CA VAL B 273 29.27 -6.51 3.63
C VAL B 273 28.96 -8.01 3.59
N PRO B 274 29.81 -8.86 4.16
CA PRO B 274 29.42 -10.25 4.39
C PRO B 274 28.25 -10.33 5.35
N LEU B 275 27.30 -11.22 5.04
CA LEU B 275 26.07 -11.31 5.82
C LEU B 275 26.20 -12.43 6.83
N GLU B 276 25.87 -12.13 8.07
CA GLU B 276 25.84 -13.13 9.14
C GLU B 276 24.73 -12.75 10.11
N HIS B 277 24.29 -13.75 10.91
CA HIS B 277 23.18 -13.58 11.84
C HIS B 277 23.72 -13.51 13.25
N PRO B 278 23.19 -12.62 14.11
CA PRO B 278 23.80 -12.48 15.45
C PRO B 278 23.70 -13.73 16.29
N THR B 279 22.70 -14.58 16.05
CA THR B 279 22.59 -15.82 16.82
C THR B 279 22.48 -17.08 15.97
N LEU B 280 22.39 -17.02 14.66
CA LEU B 280 22.31 -18.24 13.86
C LEU B 280 23.65 -18.41 13.14
N GLU B 281 24.60 -19.11 13.76
CA GLU B 281 25.96 -19.14 13.20
C GLU B 281 26.01 -19.82 11.83
N TRP B 282 25.06 -20.69 11.51
CA TRP B 282 25.03 -21.31 10.19
C TRP B 282 24.66 -20.33 9.10
N PHE B 283 24.10 -19.17 9.45
CA PHE B 283 23.72 -18.22 8.42
C PHE B 283 24.92 -17.76 7.61
N ALA B 284 26.08 -17.62 8.26
CA ALA B 284 27.27 -17.15 7.55
C ALA B 284 27.71 -18.14 6.48
N ALA B 285 27.34 -19.41 6.62
CA ALA B 285 27.75 -20.44 5.66
C ALA B 285 26.94 -20.40 4.37
N LEU B 286 25.82 -19.66 4.34
CA LEU B 286 25.14 -19.35 3.09
C LEU B 286 26.03 -18.55 2.13
N GLY B 287 27.03 -17.84 2.64
CA GLY B 287 27.95 -17.13 1.76
C GLY B 287 27.36 -15.91 1.10
N LEU B 288 26.43 -15.23 1.77
CA LEU B 288 25.75 -14.08 1.19
C LEU B 288 26.51 -12.80 1.51
N ARG B 289 26.40 -11.84 0.61
CA ARG B 289 26.94 -10.50 0.84
C ARG B 289 26.07 -9.51 0.08
N TRP B 290 26.21 -8.23 0.44
CA TRP B 290 25.65 -7.14 -0.34
C TRP B 290 26.63 -5.98 -0.32
N TYR B 291 26.42 -5.00 -1.18
CA TYR B 291 27.32 -3.86 -1.27
C TYR B 291 26.78 -2.70 -0.45
N ALA B 292 27.65 -1.74 -0.17
CA ALA B 292 27.29 -0.70 0.78
C ALA B 292 26.42 0.37 0.14
N LEU B 293 26.70 0.71 -1.12
CA LEU B 293 26.25 1.96 -1.71
C LEU B 293 25.13 1.70 -2.71
N PRO B 294 23.89 2.11 -2.43
CA PRO B 294 22.85 2.08 -3.48
C PRO B 294 22.97 3.35 -4.31
N ALA B 295 23.22 3.21 -5.61
CA ALA B 295 23.56 4.36 -6.45
C ALA B 295 22.86 4.24 -7.79
N VAL B 296 21.73 4.90 -7.94
CA VAL B 296 20.90 4.79 -9.14
C VAL B 296 21.52 5.63 -10.24
N SER B 297 21.79 4.99 -11.39
CA SER B 297 22.51 5.68 -12.46
C SER B 297 21.75 5.75 -13.78
N ASN B 298 20.50 5.29 -13.83
CA ASN B 298 19.78 5.25 -15.10
C ASN B 298 18.58 6.17 -15.13
N MET B 299 18.40 7.05 -14.15
CA MET B 299 17.29 7.99 -14.18
C MET B 299 17.71 9.32 -14.79
N LEU B 300 16.73 10.02 -15.38
CA LEU B 300 16.95 11.34 -15.97
C LEU B 300 16.55 12.39 -14.94
N LEU B 301 17.41 13.37 -14.73
CA LEU B 301 17.12 14.47 -13.84
C LEU B 301 16.62 15.65 -14.66
N GLU B 302 15.45 16.18 -14.31
CA GLU B 302 14.88 17.33 -15.00
C GLU B 302 14.79 18.52 -14.04
N ILE B 303 15.33 19.66 -14.48
CA ILE B 303 15.34 20.90 -13.71
C ILE B 303 14.98 22.06 -14.63
N GLY B 304 13.86 22.72 -14.34
CA GLY B 304 13.48 23.92 -15.08
C GLY B 304 13.43 23.72 -16.58
N GLY B 305 12.94 22.57 -17.05
CA GLY B 305 12.89 22.31 -18.48
C GLY B 305 14.13 21.66 -19.04
N LEU B 306 15.25 21.73 -18.33
CA LEU B 306 16.50 21.12 -18.80
C LEU B 306 16.57 19.68 -18.32
N GLU B 307 17.23 18.84 -19.12
CA GLU B 307 17.25 17.41 -18.87
C GLU B 307 18.70 16.94 -18.78
N PHE B 308 19.01 16.21 -17.71
CA PHE B 308 20.35 15.65 -17.50
C PHE B 308 20.22 14.13 -17.52
N PRO B 309 20.46 13.47 -18.65
CA PRO B 309 20.19 12.03 -18.73
C PRO B 309 21.20 11.15 -18.00
N ALA B 310 22.35 11.70 -17.61
CA ALA B 310 23.28 11.01 -16.73
C ALA B 310 23.48 11.89 -15.51
N ALA B 311 22.95 11.46 -14.36
CA ALA B 311 23.11 12.17 -13.10
C ALA B 311 22.92 11.17 -11.97
N PRO B 312 23.89 10.26 -11.78
CA PRO B 312 23.73 9.22 -10.76
C PRO B 312 23.70 9.78 -9.35
N PHE B 313 22.88 9.15 -8.49
CA PHE B 313 22.71 9.60 -7.12
C PHE B 313 22.73 8.41 -6.19
N SER B 314 23.18 8.64 -4.97
CA SER B 314 23.30 7.56 -4.00
C SER B 314 22.93 8.04 -2.61
N GLY B 315 22.53 7.11 -1.77
CA GLY B 315 22.31 7.44 -0.38
C GLY B 315 22.82 6.27 0.42
N TRP B 316 21.98 5.73 1.30
CA TRP B 316 22.29 4.49 2.00
C TRP B 316 21.04 3.64 2.05
N TYR B 317 21.25 2.36 2.33
CA TYR B 317 20.17 1.38 2.23
C TYR B 317 19.25 1.39 3.44
N MET B 318 17.98 1.13 3.16
CA MET B 318 17.05 0.63 4.16
C MET B 318 17.09 -0.90 4.12
N SER B 319 17.11 -1.53 5.30
CA SER B 319 17.45 -2.96 5.36
C SER B 319 16.48 -3.84 4.57
N THR B 320 15.20 -3.47 4.50
CA THR B 320 14.24 -4.29 3.77
C THR B 320 14.55 -4.37 2.28
N GLU B 321 15.24 -3.37 1.73
CA GLU B 321 15.57 -3.45 0.29
C GLU B 321 16.52 -4.60 0.03
N ILE B 322 17.43 -4.87 0.96
CA ILE B 322 18.35 -5.97 0.77
C ILE B 322 17.70 -7.30 1.15
N GLY B 323 17.17 -7.35 2.36
CA GLY B 323 16.72 -8.63 2.89
C GLY B 323 15.43 -9.09 2.23
N THR B 324 14.47 -8.18 2.05
CA THR B 324 13.16 -8.63 1.59
C THR B 324 13.06 -8.64 0.08
N ARG B 325 13.39 -7.54 -0.59
CA ARG B 325 13.29 -7.56 -2.04
CA ARG B 325 13.33 -7.50 -2.05
C ARG B 325 14.50 -8.26 -2.66
N ASN B 326 15.73 -7.83 -2.37
CA ASN B 326 16.87 -8.38 -3.08
C ASN B 326 17.14 -9.83 -2.74
N LEU B 327 17.08 -10.20 -1.45
CA LEU B 327 17.39 -11.59 -1.12
C LEU B 327 16.17 -12.52 -1.18
N CYS B 328 14.95 -12.02 -0.94
CA CYS B 328 13.81 -12.93 -0.79
C CYS B 328 12.88 -13.01 -1.99
N ASP B 329 12.86 -12.01 -2.89
CA ASP B 329 11.92 -12.07 -4.00
C ASP B 329 12.13 -13.36 -4.79
N PRO B 330 11.06 -13.96 -5.32
CA PRO B 330 11.24 -15.19 -6.10
C PRO B 330 12.01 -14.96 -7.38
N HIS B 331 11.97 -13.74 -7.92
CA HIS B 331 12.70 -13.39 -9.14
C HIS B 331 14.04 -12.71 -8.85
N ARG B 332 14.49 -12.73 -7.60
CA ARG B 332 15.84 -12.30 -7.28
C ARG B 332 16.63 -13.48 -6.70
N TYR B 333 17.31 -13.27 -5.58
CA TYR B 333 18.17 -14.33 -5.06
C TYR B 333 17.38 -15.46 -4.41
N ASN B 334 16.17 -15.16 -3.90
CA ASN B 334 15.17 -16.19 -3.60
C ASN B 334 15.73 -17.24 -2.62
N ILE B 335 16.17 -16.75 -1.45
CA ILE B 335 16.75 -17.62 -0.43
C ILE B 335 15.75 -18.04 0.65
N LEU B 336 14.50 -17.61 0.55
CA LEU B 336 13.56 -17.70 1.67
C LEU B 336 13.37 -19.15 2.14
N GLU B 337 13.18 -20.07 1.19
CA GLU B 337 12.86 -21.44 1.59
C GLU B 337 14.09 -22.14 2.15
N ASP B 338 15.26 -21.89 1.55
CA ASP B 338 16.52 -22.39 2.08
C ASP B 338 16.68 -22.01 3.55
N VAL B 339 16.57 -20.71 3.85
CA VAL B 339 16.69 -20.24 5.23
C VAL B 339 15.64 -20.92 6.11
N ALA B 340 14.40 -21.02 5.60
CA ALA B 340 13.34 -21.68 6.37
C ALA B 340 13.70 -23.11 6.74
N VAL B 341 14.29 -23.85 5.79
CA VAL B 341 14.62 -25.25 6.07
C VAL B 341 15.71 -25.33 7.13
N CYS B 342 16.74 -24.49 7.00
CA CYS B 342 17.77 -24.41 8.03
C CYS B 342 17.18 -24.06 9.39
N MET B 343 16.18 -23.17 9.42
CA MET B 343 15.53 -22.89 10.68
C MET B 343 14.68 -24.08 11.16
N ASP B 344 14.57 -25.12 10.34
CA ASP B 344 13.77 -26.29 10.65
C ASP B 344 12.30 -25.92 10.77
N LEU B 345 11.85 -25.01 9.92
CA LEU B 345 10.45 -24.64 9.88
C LEU B 345 9.66 -25.62 9.01
N ASP B 346 8.36 -25.71 9.29
CA ASP B 346 7.44 -26.54 8.53
C ASP B 346 7.02 -25.78 7.27
N THR B 347 7.65 -26.12 6.13
CA THR B 347 7.42 -25.38 4.90
C THR B 347 6.32 -25.96 4.03
N ARG B 348 5.64 -27.02 4.50
CA ARG B 348 4.58 -27.63 3.71
C ARG B 348 3.24 -26.93 3.88
N THR B 349 3.04 -26.19 4.97
CA THR B 349 1.78 -25.53 5.28
C THR B 349 2.03 -24.04 5.47
N THR B 350 1.23 -23.19 4.81
CA THR B 350 1.44 -21.76 4.92
C THR B 350 1.09 -21.24 6.32
N SER B 351 0.17 -21.91 7.01
CA SER B 351 -0.28 -21.45 8.32
C SER B 351 0.80 -21.55 9.39
N SER B 352 1.93 -22.22 9.11
CA SER B 352 3.08 -22.10 9.99
C SER B 352 3.73 -20.73 9.93
N LEU B 353 3.41 -19.92 8.89
CA LEU B 353 4.05 -18.63 8.68
C LEU B 353 5.57 -18.77 8.57
N TRP B 354 6.01 -19.89 8.00
CA TRP B 354 7.43 -20.09 7.77
C TRP B 354 8.04 -18.99 6.89
N LYS B 355 7.30 -18.53 5.88
CA LYS B 355 7.82 -17.43 5.07
C LYS B 355 8.05 -16.19 5.91
N ASP B 356 7.05 -15.84 6.74
CA ASP B 356 7.16 -14.63 7.55
C ASP B 356 8.33 -14.72 8.51
N LYS B 357 8.53 -15.88 9.13
CA LYS B 357 9.60 -16.03 10.11
C LYS B 357 10.97 -15.98 9.45
N ALA B 358 11.13 -16.66 8.32
CA ALA B 358 12.43 -16.65 7.65
C ALA B 358 12.78 -15.26 7.16
N ALA B 359 11.78 -14.52 6.67
CA ALA B 359 12.04 -13.17 6.19
C ALA B 359 12.50 -12.25 7.31
N VAL B 360 11.87 -12.33 8.49
CA VAL B 360 12.32 -11.44 9.56
C VAL B 360 13.77 -11.74 9.92
N GLU B 361 14.14 -13.03 9.95
CA GLU B 361 15.51 -13.35 10.34
C GLU B 361 16.53 -12.93 9.29
N ILE B 362 16.18 -13.00 8.00
CA ILE B 362 17.09 -12.49 6.96
C ILE B 362 17.30 -10.99 7.15
N ASN B 363 16.24 -10.26 7.48
CA ASN B 363 16.37 -8.83 7.70
C ASN B 363 17.18 -8.51 8.95
N VAL B 364 17.02 -9.32 10.00
CA VAL B 364 17.87 -9.19 11.18
C VAL B 364 19.32 -9.37 10.80
N ALA B 365 19.61 -10.39 9.99
CA ALA B 365 20.98 -10.63 9.55
C ALA B 365 21.53 -9.43 8.78
N VAL B 366 20.72 -8.80 7.93
CA VAL B 366 21.25 -7.67 7.17
C VAL B 366 21.59 -6.52 8.12
N LEU B 367 20.68 -6.18 9.03
CA LEU B 367 20.90 -5.06 9.93
C LEU B 367 22.10 -5.32 10.82
N HIS B 368 22.19 -6.53 11.37
CA HIS B 368 23.32 -6.89 12.23
C HIS B 368 24.64 -6.78 11.48
N SER B 369 24.64 -7.23 10.23
CA SER B 369 25.86 -7.33 9.45
C SER B 369 26.37 -5.96 9.02
N TYR B 370 25.47 -5.06 8.65
CA TYR B 370 25.90 -3.70 8.33
C TYR B 370 26.38 -2.97 9.57
N GLN B 371 25.71 -3.15 10.71
CA GLN B 371 26.18 -2.50 11.93
C GLN B 371 27.52 -3.06 12.35
N LEU B 372 27.71 -4.37 12.24
CA LEU B 372 28.99 -5.00 12.56
C LEU B 372 30.12 -4.45 11.69
N ALA B 373 29.86 -4.31 10.39
CA ALA B 373 30.85 -3.79 9.45
C ALA B 373 30.96 -2.26 9.50
N LYS B 374 30.17 -1.60 10.34
CA LYS B 374 30.17 -0.14 10.47
C LYS B 374 29.85 0.56 9.14
N VAL B 375 28.82 0.05 8.46
CA VAL B 375 28.30 0.62 7.22
C VAL B 375 26.89 1.15 7.49
N THR B 376 26.65 2.42 7.16
CA THR B 376 25.35 3.03 7.41
C THR B 376 24.21 2.16 6.90
N ILE B 377 23.18 1.99 7.73
CA ILE B 377 21.95 1.31 7.32
C ILE B 377 20.83 1.82 8.22
N VAL B 378 19.61 1.84 7.71
CA VAL B 378 18.46 2.23 8.50
C VAL B 378 17.42 1.10 8.43
N ASP B 379 16.83 0.75 9.57
CA ASP B 379 15.77 -0.25 9.50
C ASP B 379 14.44 0.43 9.13
N HIS B 380 13.42 -0.38 8.79
CA HIS B 380 12.20 0.23 8.29
C HIS B 380 11.40 0.96 9.38
N HIS B 381 11.61 0.65 10.66
CA HIS B 381 10.95 1.43 11.70
C HIS B 381 11.56 2.83 11.81
N ALA B 382 12.88 2.91 11.80
CA ALA B 382 13.55 4.21 11.89
C ALA B 382 13.25 5.07 10.65
N ALA B 383 13.41 4.46 9.47
CA ALA B 383 13.20 5.18 8.21
C ALA B 383 11.77 5.74 8.13
N THR B 384 10.77 4.93 8.48
CA THR B 384 9.41 5.44 8.37
C THR B 384 9.10 6.45 9.47
N ALA B 385 9.69 6.29 10.66
CA ALA B 385 9.49 7.29 11.69
C ALA B 385 10.06 8.63 11.23
N SER B 386 11.20 8.60 10.55
CA SER B 386 11.75 9.86 10.07
C SER B 386 10.93 10.42 8.90
N PHE B 387 10.34 9.55 8.07
CA PHE B 387 9.49 10.08 7.00
C PHE B 387 8.28 10.81 7.56
N MET B 388 7.77 10.37 8.72
CA MET B 388 6.69 11.10 9.38
C MET B 388 7.14 12.50 9.81
N LYS B 389 8.38 12.61 10.29
CA LYS B 389 8.92 13.93 10.63
C LYS B 389 9.03 14.78 9.38
N HIS B 390 9.52 14.19 8.29
CA HIS B 390 9.55 14.89 7.00
C HIS B 390 8.18 15.42 6.63
N LEU B 391 7.15 14.60 6.79
CA LEU B 391 5.78 15.03 6.49
C LEU B 391 5.38 16.25 7.31
N GLU B 392 5.71 16.25 8.60
CA GLU B 392 5.43 17.43 9.42
C GLU B 392 6.21 18.64 8.93
N ASN B 393 7.51 18.46 8.63
CA ASN B 393 8.33 19.56 8.13
C ASN B 393 7.74 20.15 6.85
N GLU B 394 7.32 19.29 5.92
CA GLU B 394 6.88 19.77 4.62
C GLU B 394 5.54 20.48 4.71
N GLN B 395 4.64 20.00 5.58
CA GLN B 395 3.38 20.68 5.79
C GLN B 395 3.58 22.12 6.21
N LYS B 396 4.54 22.38 7.11
CA LYS B 396 4.89 23.74 7.46
C LYS B 396 5.47 24.49 6.28
N ALA B 397 6.40 23.87 5.57
CA ALA B 397 7.21 24.59 4.58
C ALA B 397 6.51 24.79 3.24
N ARG B 398 5.68 23.83 2.81
CA ARG B 398 5.10 23.94 1.48
C ARG B 398 3.62 23.64 1.39
N GLY B 399 2.96 23.24 2.48
CA GLY B 399 1.54 22.92 2.43
C GLY B 399 1.22 21.48 2.11
N GLY B 400 2.21 20.60 2.08
CA GLY B 400 1.97 19.21 1.77
C GLY B 400 3.23 18.57 1.23
N CYS B 401 3.08 17.30 0.84
CA CYS B 401 4.21 16.51 0.37
C CYS B 401 3.70 15.43 -0.57
N PRO B 402 4.22 15.32 -1.79
CA PRO B 402 3.80 14.22 -2.66
C PRO B 402 4.34 12.90 -2.16
N ALA B 403 3.46 11.91 -1.99
CA ALA B 403 3.84 10.64 -1.42
C ALA B 403 3.04 9.51 -2.06
N ASP B 404 3.74 8.43 -2.40
CA ASP B 404 3.19 7.26 -3.08
C ASP B 404 3.10 6.15 -2.03
N TRP B 405 1.90 6.00 -1.46
CA TRP B 405 1.70 5.17 -0.27
C TRP B 405 2.24 3.75 -0.46
N ALA B 406 1.90 3.11 -1.57
CA ALA B 406 2.32 1.74 -1.86
C ALA B 406 3.83 1.57 -1.91
N TRP B 407 4.60 2.66 -2.10
CA TRP B 407 6.05 2.57 -2.14
C TRP B 407 6.70 3.04 -0.85
N ILE B 408 6.00 3.88 -0.08
CA ILE B 408 6.53 4.39 1.19
C ILE B 408 6.40 3.32 2.28
N VAL B 409 5.30 2.60 2.29
CA VAL B 409 5.08 1.50 3.22
C VAL B 409 6.03 0.35 2.90
N PRO B 410 6.87 -0.07 3.85
CA PRO B 410 7.86 -1.11 3.56
C PRO B 410 7.22 -2.42 3.17
N PRO B 411 7.96 -3.31 2.51
CA PRO B 411 7.36 -4.54 1.98
C PRO B 411 7.17 -5.65 3.01
N ILE B 412 7.65 -5.48 4.25
CA ILE B 412 7.26 -6.34 5.35
C ILE B 412 6.77 -5.45 6.50
N SER B 413 5.90 -6.02 7.33
CA SER B 413 5.50 -5.36 8.57
C SER B 413 4.89 -3.99 8.33
N GLY B 414 4.16 -3.85 7.21
CA GLY B 414 3.62 -2.55 6.83
C GLY B 414 2.92 -1.84 7.97
N SER B 415 1.93 -2.49 8.60
CA SER B 415 1.10 -1.79 9.58
C SER B 415 1.79 -1.60 10.93
N LEU B 416 2.94 -2.21 11.14
CA LEU B 416 3.74 -1.94 12.33
C LEU B 416 4.52 -0.62 12.21
N THR B 417 4.40 0.10 11.06
CA THR B 417 5.06 1.38 10.91
C THR B 417 4.05 2.51 10.85
N PRO B 418 4.43 3.71 11.26
CA PRO B 418 3.48 4.82 11.27
C PRO B 418 2.98 5.23 9.88
N VAL B 419 3.70 4.91 8.80
CA VAL B 419 3.28 5.44 7.48
C VAL B 419 2.03 4.72 6.97
N PHE B 420 1.80 3.51 7.46
CA PHE B 420 0.67 2.70 7.01
C PHE B 420 -0.65 3.38 7.33
N HIS B 421 -0.72 4.08 8.46
CA HIS B 421 -1.94 4.72 8.93
C HIS B 421 -2.02 6.18 8.53
N GLN B 422 -1.13 6.61 7.62
CA GLN B 422 -1.07 7.99 7.16
C GLN B 422 -1.64 8.06 5.74
N GLU B 423 -2.74 8.80 5.58
CA GLU B 423 -3.22 9.04 4.22
C GLU B 423 -2.21 9.91 3.48
N MET B 424 -2.09 9.67 2.18
CA MET B 424 -1.08 10.37 1.37
C MET B 424 -1.67 10.79 0.03
N VAL B 425 -1.09 11.84 -0.54
CA VAL B 425 -1.52 12.41 -1.82
C VAL B 425 -0.33 12.33 -2.78
N ASN B 426 -0.55 11.73 -3.94
CA ASN B 426 0.51 11.50 -4.92
C ASN B 426 0.31 12.42 -6.11
N TYR B 427 1.34 13.21 -6.44
CA TYR B 427 1.30 14.11 -7.59
C TYR B 427 2.73 14.39 -8.01
N PHE B 428 2.89 14.88 -9.23
CA PHE B 428 4.20 15.10 -9.81
C PHE B 428 4.57 16.59 -9.74
N LEU B 429 5.70 16.88 -9.12
CA LEU B 429 6.28 18.21 -9.11
C LEU B 429 7.61 18.15 -9.81
N SER B 430 7.99 19.27 -10.39
CA SER B 430 9.31 19.45 -10.97
C SER B 430 10.07 20.50 -10.17
N PRO B 431 11.40 20.36 -10.01
CA PRO B 431 12.37 19.37 -10.50
C PRO B 431 12.07 17.95 -10.10
N ALA B 432 12.49 17.01 -10.95
CA ALA B 432 12.10 15.63 -10.69
C ALA B 432 13.16 14.69 -11.27
N PHE B 433 13.22 13.50 -10.69
CA PHE B 433 13.88 12.35 -11.29
C PHE B 433 12.85 11.58 -12.08
N ARG B 434 13.21 11.16 -13.29
CA ARG B 434 12.27 10.50 -14.19
C ARG B 434 12.86 9.22 -14.75
N TYR B 435 12.01 8.24 -15.02
CA TYR B 435 12.45 7.09 -15.80
C TYR B 435 12.69 7.51 -17.24
N GLN B 436 13.56 6.77 -17.93
CA GLN B 436 13.89 7.04 -19.31
C GLN B 436 14.23 5.73 -20.00
N PRO B 437 14.10 5.65 -21.32
CA PRO B 437 14.35 4.40 -22.02
C PRO B 437 15.80 3.96 -21.94
N ASP B 438 15.99 2.65 -21.94
CA ASP B 438 17.33 2.09 -22.04
C ASP B 438 18.00 2.61 -23.31
N PRO B 439 19.25 3.02 -23.23
CA PRO B 439 19.95 3.53 -24.42
C PRO B 439 20.32 2.46 -25.44
N TRP B 440 19.77 1.26 -25.34
CA TRP B 440 20.04 0.23 -26.32
C TRP B 440 18.73 -0.32 -26.86
CHA HEM C . -13.12 -6.02 3.63
CHB HEM C . -11.73 -10.64 4.34
CHC HEM C . -16.34 -12.06 3.78
CHD HEM C . -17.50 -7.58 2.28
C1A HEM C . -12.37 -7.14 3.97
C2A HEM C . -11.02 -7.13 4.50
C3A HEM C . -10.65 -8.40 4.70
C4A HEM C . -11.74 -9.26 4.30
CMA HEM C . -9.30 -8.89 5.26
CAA HEM C . -10.19 -5.87 4.81
CBA HEM C . -10.24 -5.67 6.33
CGA HEM C . -9.38 -4.53 6.76
O1A HEM C . -8.60 -4.01 5.91
O2A HEM C . -9.44 -4.14 7.96
C1B HEM C . -12.84 -11.44 4.22
C2B HEM C . -12.84 -12.89 4.26
C3B HEM C . -14.10 -13.30 4.11
C4B HEM C . -14.96 -12.13 3.96
CMB HEM C . -11.60 -13.80 4.47
CAB HEM C . -14.50 -14.81 4.11
CBB HEM C . -15.74 -15.23 3.80
C1C HEM C . -17.09 -10.97 3.38
C2C HEM C . -18.53 -10.92 3.19
C3C HEM C . -18.85 -9.67 2.78
C4C HEM C . -17.61 -8.90 2.67
CMC HEM C . -19.47 -12.12 3.48
CAC HEM C . -20.21 -9.02 2.42
CBC HEM C . -21.30 -9.71 2.10
C1D HEM C . -16.47 -6.72 2.59
C2D HEM C . -16.48 -5.25 2.60
C3D HEM C . -15.27 -4.84 2.98
C4D HEM C . -14.44 -6.00 3.22
CMD HEM C . -17.66 -4.33 2.24
CAD HEM C . -14.81 -3.37 3.12
CBD HEM C . -14.87 -2.94 4.58
CGD HEM C . -14.24 -1.58 4.74
O1D HEM C . -13.94 -0.94 3.70
O2D HEM C . -14.03 -1.15 5.90
NA HEM C . -12.77 -8.46 3.86
NB HEM C . -14.14 -11.02 4.03
NC HEM C . -16.57 -9.73 3.03
ND HEM C . -15.22 -7.12 2.98
FE HEM C . -14.62 -9.07 3.20
C11 KMM D . -13.68 -4.34 8.76
C13 KMM D . -12.19 -2.51 9.22
C14 KMM D . -12.65 -2.47 10.53
C17 KMM D . -11.12 -1.54 8.78
C18 KMM D . -11.78 -0.36 8.06
C02 KMM D . -13.63 -10.28 7.53
C04 KMM D . -15.83 -9.44 7.09
C06 KMM D . -14.06 -7.97 7.80
C07 KMM D . -17.25 -9.68 6.69
C08 KMM D . -13.45 -6.64 8.17
C09 KMM D . -14.25 -5.40 7.84
C19 KMM D . -12.63 0.49 9.01
C21 KMM D . -13.31 2.09 7.34
C03 KMM D . -14.94 -10.51 7.13
C05 KMM D . -15.39 -8.15 7.42
C12 KMM D . -12.69 -3.45 8.34
C15 KMM D . -13.63 -3.35 10.95
C16 KMM D . -14.14 -4.28 10.07
C22 KMM D . -14.72 1.64 9.24
F12 KMM D . -12.23 -3.48 7.07
F15 KMM D . -14.08 -3.29 12.22
F16 KMM D . -15.09 -5.15 10.48
N01 KMM D . -13.25 -9.04 7.85
N02 KMM D . -12.71 -11.28 7.59
N20 KMM D . -13.77 1.06 8.29
C11 KMM E . -7.93 2.66 10.06
C13 KMM E . -8.71 3.32 12.25
C14 KMM E . -10.01 3.41 11.77
C17 KMM E . -8.45 3.61 13.71
C18 KMM E . -9.03 4.98 14.01
C02 KMM E . -5.43 -0.03 5.15
C04 KMM E . -5.00 2.31 5.42
C06 KMM E . -6.26 1.07 7.05
C07 KMM E . -4.39 3.60 4.93
C08 KMM E . -7.04 1.01 8.35
C09 KMM E . -6.78 2.28 9.17
C19 KMM E . -9.27 5.19 15.51
C21 KMM E . -9.59 6.83 17.23
C03 KMM E . -4.85 1.14 4.68
C05 KMM E . -5.71 2.28 6.62
C12 KMM E . -7.67 2.94 11.39
C15 KMM E . -10.27 3.13 10.44
C16 KMM E . -9.24 2.77 9.58
C22 KMM E . -9.58 7.54 14.92
F12 KMM E . -6.42 2.84 11.86
F15 KMM E . -11.53 3.24 9.98
F16 KMM E . -9.55 2.52 8.29
N01 KMM E . -6.11 -0.04 6.31
N02 KMM E . -5.29 -1.18 4.44
N20 KMM E . -9.01 6.59 15.90
C1 BTB F . 16.89 -15.90 31.18
O1 BTB F . 17.76 -15.05 31.93
C2 BTB F . 15.42 -15.52 31.43
C3 BTB F . 15.27 -14.83 32.78
O3 BTB F . 14.10 -14.01 32.73
C4 BTB F . 14.93 -14.56 30.37
O4 BTB F . 13.49 -14.50 30.44
N BTB F . 14.58 -16.73 31.36
C5 BTB F . 14.85 -17.63 32.49
C6 BTB F . 13.54 -18.03 33.17
O6 BTB F . 12.98 -16.90 33.86
C7 BTB F . 14.79 -17.42 30.08
C8 BTB F . 13.47 -17.95 29.55
O8 BTB F . 12.73 -16.87 28.97
C1 BTB G . 8.62 1.48 26.67
O1 BTB G . 8.68 0.76 27.90
C2 BTB G . 9.70 2.56 26.55
C3 BTB G . 9.12 3.70 25.73
O3 BTB G . 7.74 3.89 26.08
C4 BTB G . 10.03 3.11 27.93
O4 BTB G . 10.26 2.06 28.88
N BTB G . 10.95 2.05 25.91
C5 BTB G . 10.88 2.18 24.43
C6 BTB G . 10.63 0.88 23.67
O6 BTB G . 9.35 0.33 23.96
C7 BTB G . 11.31 0.68 26.33
C8 BTB G . 12.81 0.42 26.26
O8 BTB G . 13.49 1.20 27.24
C1 BTB H . -39.89 -17.23 1.94
O1 BTB H . -41.11 -17.13 1.17
C2 BTB H . -38.79 -16.35 1.32
C3 BTB H . -39.45 -15.13 0.68
O3 BTB H . -40.65 -14.78 1.38
C4 BTB H . -37.86 -15.90 2.42
O4 BTB H . -38.52 -14.85 3.14
N BTB H . -37.98 -17.12 0.35
C5 BTB H . -38.57 -16.99 -1.00
C6 BTB H . -39.36 -18.20 -1.48
O6 BTB H . -38.50 -18.98 -2.31
C7 BTB H . -37.85 -18.53 0.77
C8 BTB H . -36.55 -19.16 0.27
O8 BTB H . -35.77 -18.18 -0.41
C1 BTB I . -45.38 0.09 18.43
O1 BTB I . -45.47 -0.62 17.19
C2 BTB I . -44.43 1.26 18.24
C3 BTB I . -43.13 0.72 17.65
O3 BTB I . -42.85 -0.61 18.13
C4 BTB I . -45.11 2.21 17.26
O4 BTB I . -44.16 3.15 16.74
N BTB I . -44.09 1.99 19.49
C5 BTB I . -43.61 1.07 20.55
C6 BTB I . -44.54 0.83 21.75
O6 BTB I . -45.81 0.30 21.37
C7 BTB I . -45.19 2.90 19.91
C8 BTB I . -44.73 4.02 20.86
O8 BTB I . -43.57 4.70 20.39
ZN ZN J . -5.57 7.27 -7.83
GD GD K . 11.69 -16.31 31.47
GD GD L . -44.90 -2.92 -3.11
CHA HEM M . 13.31 5.27 -3.96
CHB HEM M . 15.15 5.09 0.46
CHC HEM M . 18.44 8.46 -0.75
CHD HEM M . 15.76 9.42 -4.63
C1A HEM M . 13.56 4.82 -2.68
C2A HEM M . 13.04 3.65 -2.03
C3A HEM M . 13.56 3.58 -0.79
C4A HEM M . 14.43 4.74 -0.64
CMA HEM M . 13.28 2.50 0.29
CAA HEM M . 12.06 2.65 -2.69
CBA HEM M . 12.85 1.42 -3.14
CGA HEM M . 11.93 0.23 -3.21
O1A HEM M . 10.71 0.39 -2.91
O2A HEM M . 12.43 -0.86 -3.57
C1B HEM M . 16.21 5.98 0.54
C2B HEM M . 17.03 6.24 1.71
C3B HEM M . 17.92 7.18 1.39
C4B HEM M . 17.72 7.54 0.00
CMB HEM M . 16.88 5.57 3.09
CAB HEM M . 19.01 7.73 2.37
CBB HEM M . 19.77 8.78 2.10
C1C HEM M . 18.02 9.04 -1.91
C2C HEM M . 18.69 10.10 -2.66
C3C HEM M . 17.94 10.36 -3.75
C4C HEM M . 16.77 9.48 -3.71
CMC HEM M . 20.04 10.78 -2.28
CAC HEM M . 18.15 11.38 -4.86
CBC HEM M . 18.96 12.45 -4.73
C1D HEM M . 14.90 8.36 -4.83
C2D HEM M . 14.03 8.15 -5.98
C3D HEM M . 13.36 7.00 -5.79
C4D HEM M . 13.77 6.45 -4.51
CMD HEM M . 13.93 9.10 -7.20
CAD HEM M . 12.33 6.35 -6.74
CBD HEM M . 13.10 5.26 -7.50
CGD HEM M . 12.27 4.50 -8.49
O1D HEM M . 11.03 4.73 -8.57
O2D HEM M . 12.87 3.65 -9.20
NA HEM M . 14.41 5.45 -1.81
NB HEM M . 16.67 6.79 -0.47
NC HEM M . 16.87 8.71 -2.59
ND HEM M . 14.72 7.30 -3.97
FE HEM M . 15.40 7.29 -2.07
C11 KMM N . 15.51 1.45 -6.47
C13 KMM N . 13.67 0.12 -7.32
C14 KMM N . 14.57 -0.86 -7.72
C17 KMM N . 12.19 -0.08 -7.57
C18 KMM N . 11.95 -0.29 -9.07
C02 KMM N . 18.16 3.68 -1.44
C04 KMM N . 18.67 5.15 -3.27
C06 KMM N . 17.31 3.16 -3.56
C07 KMM N . 19.37 6.41 -3.78
C08 KMM N . 16.45 2.17 -4.36
C09 KMM N . 16.02 2.67 -5.76
C19 KMM N . 12.75 0.67 -9.96
C21 KMM N . 10.53 1.14 -10.89
C03 KMM N . 18.80 4.83 -1.92
C05 KMM N . 17.93 4.32 -4.10
C12 KMM N . 14.15 1.26 -6.69
C15 KMM N . 15.93 -0.69 -7.51
C16 KMM N . 16.39 0.46 -6.88
C22 KMM N . 12.40 0.64 -12.34
F12 KMM N . 13.27 2.21 -6.28
F15 KMM N . 16.78 -1.65 -7.91
F16 KMM N . 17.71 0.63 -6.66
N01 KMM N . 17.45 2.90 -2.25
N02 KMM N . 18.23 3.32 -0.13
N20 KMM N . 11.99 1.27 -11.08
C11 KMM O . 8.44 -4.53 -9.46
C13 KMM O . 9.93 -5.98 -10.68
C14 KMM O . 10.47 -4.89 -11.33
C17 KMM O . 10.42 -7.37 -10.97
C18 KMM O . 10.44 -7.64 -12.48
C02 KMM O . 5.58 -1.71 -4.74
C04 KMM O . 4.13 -2.49 -6.49
C06 KMM O . 6.52 -2.93 -6.54
C07 KMM O . 2.78 -2.64 -7.12
C08 KMM O . 7.74 -3.54 -7.21
C09 KMM O . 7.31 -4.34 -8.46
C19 KMM O . 10.78 -9.10 -12.74
C21 KMM O . 12.52 -10.36 -13.79
C03 KMM O . 4.29 -1.80 -5.29
C05 KMM O . 5.25 -3.06 -7.11
C12 KMM O . 8.91 -5.80 -9.75
C15 KMM O . 9.99 -3.62 -11.04
C16 KMM O . 8.98 -3.44 -10.12
C22 KMM O . 12.17 -8.09 -14.49
F12 KMM O . 8.39 -6.87 -9.13
F15 KMM O . 10.52 -2.55 -11.67
F16 KMM O . 8.54 -2.21 -9.86
N01 KMM O . 6.65 -2.27 -5.36
N02 KMM O . 5.76 -1.05 -3.57
N20 KMM O . 11.51 -9.31 -14.01
C1 BTB P . 24.88 -18.49 22.69
O1 BTB P . 24.31 -19.35 23.69
C2 BTB P . 24.26 -18.65 21.29
C3 BTB P . 22.85 -18.05 21.23
O3 BTB P . 22.21 -18.25 19.96
C4 BTB P . 25.17 -17.82 20.40
O4 BTB P . 24.88 -18.07 19.04
N BTB P . 24.24 -20.09 20.86
C5 BTB P . 23.11 -20.85 21.43
C6 BTB P . 22.22 -21.45 20.35
O6 BTB P . 22.97 -22.34 19.53
C7 BTB P . 25.49 -20.81 21.16
C8 BTB P . 26.34 -21.06 19.89
O8 BTB P . 25.52 -21.46 18.78
C1 BTB Q . 33.57 7.88 -31.70
O1 BTB Q . 32.30 8.37 -32.14
C2 BTB Q . 34.65 8.74 -32.32
C3 BTB Q . 34.14 9.18 -33.68
O3 BTB Q . 33.36 8.14 -34.28
C4 BTB Q . 34.92 9.94 -31.41
O4 BTB Q . 35.82 9.46 -30.40
N BTB Q . 35.95 8.01 -32.39
C5 BTB Q . 36.70 8.26 -33.65
C6 BTB Q . 37.55 9.53 -33.64
O6 BTB Q . 37.87 9.94 -32.31
C7 BTB Q . 35.75 6.56 -32.17
C8 BTB Q . 36.81 5.70 -32.84
O8 BTB Q . 37.71 5.18 -31.85
C1 BTB R . 7.79 -28.05 -1.72
O1 BTB R . 8.72 -28.07 -0.62
C2 BTB R . 7.86 -26.70 -2.42
C3 BTB R . 6.71 -26.66 -3.44
O3 BTB R . 6.35 -25.33 -3.85
C4 BTB R . 7.65 -25.66 -1.30
O4 BTB R . 7.91 -24.31 -1.68
N BTB R . 9.23 -26.56 -3.03
C5 BTB R . 9.37 -25.47 -4.02
C6 BTB R . 10.83 -25.01 -4.03
O6 BTB R . 11.00 -23.98 -5.02
C7 BTB R . 9.75 -27.82 -3.61
C8 BTB R . 9.28 -28.07 -5.06
O8 BTB R . 10.42 -28.23 -5.91
GD GD S . 23.29 -19.98 18.12
GD GD T . 38.66 7.66 -31.04
#